data_3CFH
#
_entry.id   3CFH
#
_cell.length_a   97.819
_cell.length_b   97.851
_cell.length_c   241.827
_cell.angle_alpha   90.00
_cell.angle_beta   90.00
_cell.angle_gamma   90.00
#
_symmetry.space_group_name_H-M   'C 2 2 21'
#
loop_
_entity.id
_entity.type
_entity.pdbx_description
1 polymer 'GFP-like photoswitchable fluorescent protein'
2 polymer 'GFP-like photoswitchable fluorescent protein'
3 water water
#
loop_
_entity_poly.entity_id
_entity_poly.type
_entity_poly.pdbx_seq_one_letter_code
_entity_poly.pdbx_strand_id
1 'polypeptide(L)' MASLLTETMPFRMTMEGTVNGHHFKCTGKGEGNPFEGTQDMKIEVIEGGPLPFAFDILSTSC L,M,R,S
2 'polypeptide(L)'
;(NRQ)SKTFIKYVSGIPDYFKQSFPEGFTWERTTTYEDGGFLTAHQDTSLDGD(CME)LVYKVKILGNNFPADGPVMQNK
AGGWEPGCEILYEVDGVLCGQSLMALKCPGGRHLNCRLHTTYRSKKPASALKMPEFHFEDHRIEVKEVQKGKHYEQYEAA
VARY(CME)DAAPSKLGHH
;
A,B,G,H
#
# COMPACT_ATOMS: atom_id res chain seq x y z
N LEU A 5 9.49 21.85 31.02
CA LEU A 5 8.06 22.28 30.92
C LEU A 5 7.38 22.32 32.27
N THR A 6 6.31 23.09 32.36
CA THR A 6 5.50 23.11 33.57
C THR A 6 4.56 21.93 33.55
N GLU A 7 4.26 21.39 34.73
CA GLU A 7 3.51 20.14 34.83
C GLU A 7 2.07 20.25 34.30
N THR A 8 1.63 21.49 34.07
CA THR A 8 0.43 21.79 33.26
C THR A 8 0.80 22.83 32.19
N MET A 9 0.38 22.60 30.94
CA MET A 9 0.76 23.46 29.82
CA MET A 9 0.75 23.45 29.82
C MET A 9 -0.43 23.71 28.87
N PRO A 10 -0.69 24.99 28.53
CA PRO A 10 -1.75 25.26 27.56
C PRO A 10 -1.24 25.26 26.12
N PHE A 11 -2.15 25.04 25.17
CA PHE A 11 -1.80 25.16 23.75
C PHE A 11 -2.90 25.75 22.90
N ARG A 12 -2.51 26.31 21.76
CA ARG A 12 -3.47 26.80 20.78
CA ARG A 12 -3.46 26.83 20.78
C ARG A 12 -3.13 26.32 19.38
N MET A 13 -4.16 26.20 18.56
CA MET A 13 -4.03 25.59 17.24
CA MET A 13 -4.02 25.59 17.23
C MET A 13 -4.79 26.36 16.16
N THR A 14 -4.21 26.43 14.96
CA THR A 14 -4.91 26.88 13.77
C THR A 14 -4.71 25.81 12.71
N MET A 15 -5.76 25.52 11.97
CA MET A 15 -5.76 24.45 10.98
C MET A 15 -6.46 24.92 9.71
N GLU A 16 -5.85 24.64 8.57
CA GLU A 16 -6.46 24.94 7.27
C GLU A 16 -6.36 23.66 6.44
N GLY A 17 -7.42 23.36 5.70
CA GLY A 17 -7.45 22.14 4.94
C GLY A 17 -8.45 22.08 3.80
N THR A 18 -8.26 21.08 2.95
CA THR A 18 -9.23 20.72 1.93
C THR A 18 -9.37 19.21 1.99
N VAL A 19 -10.61 18.72 2.11
CA VAL A 19 -10.89 17.28 2.08
C VAL A 19 -11.96 16.99 1.03
N ASN A 20 -11.62 16.19 0.02
CA ASN A 20 -12.55 15.87 -1.08
C ASN A 20 -13.17 17.12 -1.73
N GLY A 21 -12.38 18.19 -1.85
CA GLY A 21 -12.84 19.43 -2.46
C GLY A 21 -13.41 20.46 -1.50
N HIS A 22 -13.68 20.04 -0.26
CA HIS A 22 -14.24 20.95 0.72
CA HIS A 22 -14.25 20.91 0.76
C HIS A 22 -13.16 21.65 1.53
N HIS A 23 -13.15 22.98 1.44
CA HIS A 23 -12.20 23.80 2.18
C HIS A 23 -12.77 24.14 3.55
N PHE A 24 -11.89 24.16 4.55
CA PHE A 24 -12.29 24.46 5.92
C PHE A 24 -11.13 25.03 6.71
N LYS A 25 -11.46 25.68 7.81
CA LYS A 25 -10.49 26.18 8.76
C LYS A 25 -10.99 25.89 10.16
N CYS A 26 -10.07 25.52 11.05
CA CYS A 26 -10.39 25.28 12.44
C CYS A 26 -9.44 26.04 13.36
N THR A 27 -9.94 26.38 14.54
CA THR A 27 -9.08 26.82 15.62
C THR A 27 -9.26 25.88 16.79
N GLY A 28 -8.30 25.88 17.69
CA GLY A 28 -8.33 25.03 18.86
C GLY A 28 -7.64 25.66 20.04
N LYS A 29 -8.10 25.28 21.23
CA LYS A 29 -7.48 25.73 22.46
C LYS A 29 -7.57 24.58 23.44
N GLY A 30 -6.45 24.27 24.08
CA GLY A 30 -6.41 23.19 25.04
C GLY A 30 -5.38 23.33 26.14
N GLU A 31 -5.34 22.33 27.01
CA GLU A 31 -4.31 22.21 28.02
C GLU A 31 -4.10 20.75 28.40
N GLY A 32 -2.92 20.45 28.92
CA GLY A 32 -2.64 19.11 29.36
C GLY A 32 -1.49 19.04 30.34
N ASN A 33 -1.23 17.81 30.78
CA ASN A 33 -0.11 17.52 31.67
CA ASN A 33 -0.13 17.51 31.67
C ASN A 33 1.01 16.85 30.87
N PRO A 34 2.04 17.65 30.48
CA PRO A 34 3.06 17.15 29.54
C PRO A 34 3.79 15.89 29.98
N PHE A 35 4.14 15.82 31.27
CA PHE A 35 4.89 14.66 31.77
C PHE A 35 4.01 13.47 32.12
N GLU A 36 2.71 13.70 32.31
CA GLU A 36 1.74 12.65 32.59
CA GLU A 36 1.77 12.61 32.59
C GLU A 36 1.05 12.15 31.32
N GLY A 37 1.26 12.89 30.23
CA GLY A 37 0.74 12.51 28.90
C GLY A 37 -0.77 12.55 28.71
N THR A 38 -1.43 13.51 29.34
CA THR A 38 -2.86 13.67 29.19
C THR A 38 -3.15 15.09 28.70
N GLN A 39 -4.20 15.24 27.90
CA GLN A 39 -4.58 16.54 27.35
C GLN A 39 -6.03 16.60 26.92
N ASP A 40 -6.60 17.80 26.94
CA ASP A 40 -7.97 18.07 26.51
C ASP A 40 -7.97 19.34 25.69
N MET A 41 -8.84 19.41 24.69
CA MET A 41 -8.96 20.63 23.91
C MET A 41 -10.37 20.83 23.34
N LYS A 42 -10.66 22.08 22.98
CA LYS A 42 -11.86 22.40 22.21
C LYS A 42 -11.43 22.73 20.79
N ILE A 43 -12.22 22.30 19.82
CA ILE A 43 -11.96 22.61 18.41
C ILE A 43 -13.23 23.25 17.85
N GLU A 44 -13.05 24.38 17.17
CA GLU A 44 -14.15 25.06 16.49
C GLU A 44 -13.86 25.18 15.00
N VAL A 45 -14.85 24.79 14.19
CA VAL A 45 -14.80 24.97 12.75
C VAL A 45 -15.23 26.41 12.46
N ILE A 46 -14.27 27.23 12.03
CA ILE A 46 -14.52 28.68 11.82
C ILE A 46 -14.84 29.03 10.36
N GLU A 47 -14.47 28.14 9.45
CA GLU A 47 -14.80 28.29 8.02
C GLU A 47 -15.10 26.91 7.45
N GLY A 48 -16.08 26.83 6.55
CA GLY A 48 -16.44 25.58 5.88
C GLY A 48 -17.32 24.65 6.68
N GLY A 49 -17.93 25.19 7.75
CA GLY A 49 -18.84 24.40 8.58
C GLY A 49 -20.29 24.60 8.18
N PRO A 50 -21.19 23.68 8.62
CA PRO A 50 -20.83 22.48 9.39
C PRO A 50 -19.97 21.53 8.55
N LEU A 51 -18.97 20.90 9.18
CA LEU A 51 -18.08 19.98 8.47
C LEU A 51 -18.87 18.90 7.75
N PRO A 52 -18.67 18.77 6.42
CA PRO A 52 -19.36 17.79 5.59
C PRO A 52 -18.67 16.42 5.55
N PHE A 53 -17.92 16.10 6.60
CA PHE A 53 -17.28 14.79 6.73
C PHE A 53 -16.98 14.55 8.20
N ALA A 54 -16.71 13.29 8.55
CA ALA A 54 -16.44 12.89 9.93
C ALA A 54 -15.23 13.61 10.50
N PHE A 55 -15.41 14.29 11.63
CA PHE A 55 -14.32 14.99 12.28
C PHE A 55 -13.17 14.06 12.65
N ASP A 56 -13.49 12.78 12.88
CA ASP A 56 -12.50 11.78 13.30
C ASP A 56 -11.24 11.73 12.42
N ILE A 57 -11.38 12.07 11.14
CA ILE A 57 -10.20 12.07 10.24
C ILE A 57 -9.21 13.18 10.56
N LEU A 58 -9.65 14.17 11.35
CA LEU A 58 -8.81 15.28 11.74
C LEU A 58 -8.22 15.12 13.14
N SER A 59 -8.64 14.08 13.85
CA SER A 59 -8.28 13.90 15.25
C SER A 59 -6.77 13.83 15.50
N THR A 60 -6.06 13.07 14.67
CA THR A 60 -4.61 12.92 14.84
C THR A 60 -3.82 14.15 14.41
N SER A 61 -4.51 15.19 13.96
CA SER A 61 -3.84 16.41 13.53
C SER A 61 -4.07 17.62 14.46
N CYS A 62 -4.97 17.47 15.44
CA CYS A 62 -5.45 18.55 16.33
CA CYS A 62 -5.40 18.64 16.22
C CYS A 62 -4.44 19.16 17.30
N1 NRQ B 1 -3.09 16.21 18.17
N1 NRQ B 1 -3.36 16.33 17.87
CE NRQ B 1 -6.07 16.80 22.12
CE NRQ B 1 -6.15 16.96 22.06
SD NRQ B 1 -5.89 15.23 21.34
SD NRQ B 1 -5.81 15.34 21.49
CG1 NRQ B 1 -4.54 15.51 20.26
CG1 NRQ B 1 -4.45 15.61 20.42
CB1 NRQ B 1 -4.50 14.57 19.04
CB1 NRQ B 1 -4.52 14.72 19.17
CA1 NRQ B 1 -3.27 14.93 18.27
CA1 NRQ B 1 -3.39 15.09 18.24
C1 NRQ B 1 -2.33 13.97 17.71
C1 NRQ B 1 -2.47 14.09 17.84
N2 NRQ B 1 -2.40 12.58 17.77
N2 NRQ B 1 -2.65 12.75 18.06
OH NRQ B 1 -2.17 5.43 17.20
OH NRQ B 1 0.07 6.15 15.31
CD2 NRQ B 1 -2.41 8.96 17.63
CD2 NRQ B 1 -0.02 9.52 16.34
CE2 NRQ B 1 -2.73 7.60 17.70
CE2 NRQ B 1 0.39 8.36 15.73
CZ NRQ B 1 -1.87 6.64 17.14
CZ NRQ B 1 -0.34 7.19 15.88
CE1 NRQ B 1 -0.70 7.03 16.50
CE1 NRQ B 1 -1.51 7.16 16.62
CD1 NRQ B 1 -0.37 8.38 16.43
CD1 NRQ B 1 -1.93 8.33 17.23
CG2 NRQ B 1 -1.21 9.34 17.01
CG2 NRQ B 1 -1.19 9.48 17.07
CB2 NRQ B 1 -0.83 10.78 16.85
CB2 NRQ B 1 -1.67 10.71 17.74
CA2 NRQ B 1 -1.32 12.10 17.12
CA2 NRQ B 1 -1.60 12.12 17.56
C2 NRQ B 1 -0.61 13.26 16.68
C2 NRQ B 1 -0.74 13.14 17.03
O2 NRQ B 1 0.49 13.17 16.03
O2 NRQ B 1 0.37 12.95 16.46
N3 NRQ B 1 -1.19 14.37 17.04
N3 NRQ B 1 -1.29 14.31 17.20
CA3 NRQ B 1 -0.76 15.75 16.73
CA3 NRQ B 1 -0.83 15.65 16.89
C3 NRQ B 1 0.15 16.61 17.56
C3 NRQ B 1 -0.27 16.45 18.05
O3 NRQ B 1 0.35 17.79 17.29
O3 NRQ B 1 0.25 17.48 17.68
N SER B 2 -0.34 16.10 19.35
CA SER B 2 0.13 17.07 20.35
C SER B 2 1.15 16.25 21.11
N LYS B 3 2.29 16.03 20.45
CA LYS B 3 3.30 15.05 20.86
C LYS B 3 4.09 15.47 22.09
N THR B 4 3.94 16.73 22.50
CA THR B 4 4.54 17.21 23.73
C THR B 4 3.93 16.49 24.95
N PHE B 5 2.68 16.06 24.82
CA PHE B 5 1.96 15.44 25.93
C PHE B 5 2.05 13.91 25.88
N ILE B 6 3.19 13.39 26.32
CA ILE B 6 3.43 11.96 26.41
C ILE B 6 4.18 11.65 27.70
N LYS B 7 3.77 10.59 28.38
CA LYS B 7 4.47 10.11 29.56
CA LYS B 7 4.48 10.11 29.55
C LYS B 7 5.50 9.07 29.13
N TYR B 8 6.78 9.38 29.35
CA TYR B 8 7.87 8.48 29.00
C TYR B 8 8.32 7.64 30.20
N VAL B 9 8.33 6.32 30.04
CA VAL B 9 8.85 5.42 31.08
C VAL B 9 10.11 4.68 30.61
N SER B 10 10.76 3.98 31.56
CA SER B 10 11.92 3.12 31.28
C SER B 10 13.17 3.86 30.74
N GLY B 11 13.32 5.13 31.09
CA GLY B 11 14.48 5.93 30.65
C GLY B 11 14.59 6.15 29.15
N ILE B 12 13.44 6.16 28.47
CA ILE B 12 13.37 6.48 27.04
C ILE B 12 13.45 8.00 26.88
N PRO B 13 14.42 8.48 26.07
CA PRO B 13 14.53 9.93 25.84
C PRO B 13 13.37 10.48 25.04
N ASP B 14 13.01 11.73 25.36
CA ASP B 14 11.81 12.38 24.88
C ASP B 14 12.20 13.33 23.76
N TYR B 15 12.07 12.84 22.52
CA TYR B 15 12.50 13.59 21.33
C TYR B 15 11.78 14.94 21.21
N PHE B 16 10.53 14.98 21.65
CA PHE B 16 9.69 16.15 21.46
C PHE B 16 9.98 17.23 22.50
N LYS B 17 10.02 16.87 23.77
CA LYS B 17 10.35 17.86 24.81
C LYS B 17 11.78 18.37 24.68
N GLN B 18 12.70 17.50 24.28
CA GLN B 18 14.09 17.92 24.00
C GLN B 18 14.19 19.03 22.96
N SER B 19 13.22 19.09 22.03
CA SER B 19 13.28 20.01 20.91
C SER B 19 13.05 21.48 21.28
N PHE B 20 12.57 21.73 22.49
CA PHE B 20 12.35 23.10 22.93
C PHE B 20 13.69 23.73 23.35
N PRO B 21 13.86 25.05 23.14
CA PRO B 21 12.88 26.06 22.74
C PRO B 21 12.54 26.09 21.23
N GLU B 22 13.36 25.44 20.40
CA GLU B 22 13.18 25.50 18.94
C GLU B 22 11.85 24.92 18.46
N GLY B 23 11.41 23.84 19.10
CA GLY B 23 10.19 23.15 18.71
C GLY B 23 10.46 22.07 17.67
N PHE B 24 9.39 21.56 17.07
CA PHE B 24 9.51 20.51 16.08
C PHE B 24 8.38 20.59 15.05
N THR B 25 8.51 19.82 13.98
CA THR B 25 7.42 19.66 13.02
C THR B 25 7.08 18.18 12.91
N TRP B 26 5.90 17.89 12.37
CA TRP B 26 5.62 16.53 11.95
C TRP B 26 4.87 16.50 10.62
N GLU B 27 5.01 15.39 9.90
CA GLU B 27 4.43 15.25 8.59
C GLU B 27 3.92 13.82 8.49
N ARG B 28 2.77 13.64 7.86
CA ARG B 28 2.09 12.36 7.90
C ARG B 28 1.18 12.18 6.70
N THR B 29 1.16 10.96 6.17
CA THR B 29 0.08 10.53 5.31
C THR B 29 -0.58 9.33 5.97
N THR B 30 -1.89 9.44 6.17
CA THR B 30 -2.70 8.33 6.65
C THR B 30 -3.46 7.71 5.47
N THR B 31 -3.28 6.41 5.27
CA THR B 31 -3.88 5.72 4.14
C THR B 31 -5.01 4.84 4.65
N TYR B 32 -6.22 5.09 4.17
CA TYR B 32 -7.42 4.37 4.63
C TYR B 32 -7.67 3.14 3.76
N GLU B 33 -8.19 2.07 4.37
CA GLU B 33 -8.37 0.82 3.62
C GLU B 33 -9.41 0.90 2.50
N ASP B 34 -10.29 1.90 2.55
CA ASP B 34 -11.29 2.10 1.49
C ASP B 34 -10.88 3.12 0.43
N GLY B 35 -9.63 3.55 0.48
CA GLY B 35 -9.04 4.39 -0.57
C GLY B 35 -8.81 5.85 -0.27
N GLY B 36 -9.28 6.31 0.89
CA GLY B 36 -9.05 7.70 1.30
C GLY B 36 -7.61 7.94 1.72
N PHE B 37 -7.16 9.18 1.59
CA PHE B 37 -5.82 9.57 2.06
C PHE B 37 -5.98 10.86 2.83
N LEU B 38 -5.30 10.98 3.95
CA LEU B 38 -5.30 12.24 4.71
C LEU B 38 -3.87 12.60 5.00
N THR B 39 -3.43 13.73 4.44
CA THR B 39 -2.04 14.18 4.58
C THR B 39 -2.03 15.47 5.40
N ALA B 40 -1.07 15.55 6.33
CA ALA B 40 -0.92 16.73 7.17
C ALA B 40 0.54 17.12 7.35
N HIS B 41 0.77 18.42 7.51
CA HIS B 41 2.03 18.92 8.02
C HIS B 41 1.72 19.83 9.19
N GLN B 42 2.51 19.71 10.25
CA GLN B 42 2.27 20.47 11.47
C GLN B 42 3.54 21.11 11.96
N ASP B 43 3.39 22.33 12.47
CA ASP B 43 4.48 23.05 13.10
C ASP B 43 4.14 23.27 14.57
N THR B 44 5.06 22.91 15.46
CA THR B 44 4.90 23.10 16.89
C THR B 44 5.97 24.05 17.41
N SER B 45 5.52 25.15 18.01
CA SER B 45 6.42 26.14 18.57
CA SER B 45 6.41 26.17 18.56
C SER B 45 6.04 26.48 20.01
N LEU B 46 7.01 27.02 20.73
CA LEU B 46 6.78 27.47 22.10
C LEU B 46 6.78 29.00 22.08
N ASP B 47 5.69 29.58 22.56
CA ASP B 47 5.58 31.03 22.60
C ASP B 47 5.30 31.47 24.04
N GLY B 48 6.38 31.76 24.76
CA GLY B 48 6.28 32.09 26.18
C GLY B 48 5.96 30.84 26.97
N ASP B 49 4.74 30.77 27.48
CA ASP B 49 4.29 29.59 28.20
C ASP B 49 3.13 28.92 27.49
N CME B 50 3.04 29.17 26.18
CA CME B 50 1.98 28.64 25.34
CB CME B 50 1.20 29.85 24.83
SG CME B 50 -0.02 29.40 23.65
SD CME B 50 -1.45 28.54 24.76
CE CME B 50 -2.94 29.37 24.35
CZ CME B 50 -2.80 30.87 24.56
OH CME B 50 -3.80 31.33 25.47
C CME B 50 2.58 27.89 24.19
O CME B 50 3.48 28.38 23.52
N LEU B 51 2.10 26.66 23.98
CA LEU B 51 2.47 25.89 22.79
C LEU B 51 1.57 26.29 21.64
N VAL B 52 2.16 26.48 20.46
CA VAL B 52 1.41 26.92 19.28
C VAL B 52 1.49 25.86 18.18
N TYR B 53 0.32 25.41 17.72
CA TYR B 53 0.24 24.44 16.61
C TYR B 53 -0.30 25.08 15.34
N LYS B 54 0.38 24.87 14.23
CA LYS B 54 -0.10 25.30 12.92
C LYS B 54 -0.18 24.06 12.03
N VAL B 55 -1.38 23.78 11.50
CA VAL B 55 -1.65 22.53 10.78
C VAL B 55 -2.19 22.78 9.36
N LYS B 56 -1.62 22.05 8.40
CA LYS B 56 -2.10 22.08 7.02
CA LYS B 56 -2.09 22.07 7.00
C LYS B 56 -2.58 20.68 6.64
N ILE B 57 -3.77 20.59 6.05
CA ILE B 57 -4.40 19.30 5.75
CA ILE B 57 -4.44 19.31 5.77
C ILE B 57 -4.84 19.18 4.30
N LEU B 58 -4.54 18.05 3.68
CA LEU B 58 -5.06 17.74 2.35
C LEU B 58 -5.59 16.30 2.41
N GLY B 59 -6.91 16.15 2.30
CA GLY B 59 -7.54 14.83 2.29
C GLY B 59 -8.21 14.56 0.95
N ASN B 60 -8.15 13.33 0.47
CA ASN B 60 -8.66 13.04 -0.87
C ASN B 60 -9.12 11.59 -1.04
N ASN B 61 -9.90 11.35 -2.09
CA ASN B 61 -10.30 10.00 -2.49
C ASN B 61 -11.17 9.25 -1.48
N PHE B 62 -11.74 9.94 -0.50
CA PHE B 62 -12.64 9.28 0.44
C PHE B 62 -13.91 8.87 -0.29
N PRO B 63 -14.34 7.59 -0.15
CA PRO B 63 -15.54 7.15 -0.89
C PRO B 63 -16.77 7.93 -0.45
N ALA B 64 -17.59 8.36 -1.41
CA ALA B 64 -18.78 9.16 -1.14
C ALA B 64 -19.75 8.40 -0.23
N ASP B 65 -19.70 7.08 -0.33
CA ASP B 65 -20.59 6.15 0.38
C ASP B 65 -20.03 5.68 1.72
N GLY B 66 -18.75 5.99 1.96
CA GLY B 66 -18.05 5.52 3.15
C GLY B 66 -18.41 6.26 4.43
N PRO B 67 -17.98 5.72 5.60
CA PRO B 67 -18.34 6.32 6.89
C PRO B 67 -17.81 7.74 7.08
N VAL B 68 -16.69 8.06 6.44
CA VAL B 68 -16.11 9.40 6.56
C VAL B 68 -16.99 10.45 5.87
N MET B 69 -17.29 10.25 4.59
CA MET B 69 -18.05 11.24 3.84
C MET B 69 -19.53 11.24 4.22
N GLN B 70 -20.00 10.10 4.71
CA GLN B 70 -21.38 9.99 5.22
C GLN B 70 -21.50 10.46 6.66
N ASN B 71 -20.37 10.82 7.27
CA ASN B 71 -20.34 11.34 8.64
C ASN B 71 -20.98 10.36 9.65
N LYS B 72 -20.67 9.08 9.49
CA LYS B 72 -21.23 8.02 10.36
C LYS B 72 -20.16 7.27 11.14
N ALA B 73 -19.06 7.95 11.43
CA ALA B 73 -17.97 7.36 12.20
C ALA B 73 -18.22 7.47 13.71
N GLY B 74 -17.76 6.48 14.46
CA GLY B 74 -18.00 6.44 15.90
C GLY B 74 -16.77 6.61 16.77
N GLY B 75 -15.72 7.20 16.20
CA GLY B 75 -14.48 7.46 16.95
C GLY B 75 -13.44 6.38 16.73
N TRP B 76 -12.26 6.58 17.31
CA TRP B 76 -11.13 5.67 17.12
C TRP B 76 -11.00 4.68 18.27
N GLU B 77 -10.58 3.46 17.95
CA GLU B 77 -10.07 2.56 18.97
C GLU B 77 -8.74 3.11 19.49
N PRO B 78 -8.32 2.71 20.71
CA PRO B 78 -6.97 3.00 21.16
C PRO B 78 -5.97 2.40 20.19
N GLY B 79 -4.76 2.98 20.15
CA GLY B 79 -3.77 2.53 19.18
C GLY B 79 -2.36 2.47 19.70
N CYS B 80 -1.52 1.77 18.94
CA CYS B 80 -0.11 1.64 19.27
CA CYS B 80 -0.09 1.61 19.26
C CYS B 80 0.74 2.12 18.09
N GLU B 81 1.68 3.01 18.38
CA GLU B 81 2.60 3.52 17.37
C GLU B 81 3.97 2.94 17.66
N ILE B 82 4.71 2.56 16.62
CA ILE B 82 6.12 2.23 16.77
C ILE B 82 6.96 3.41 16.29
N LEU B 83 8.02 3.71 17.02
CA LEU B 83 8.88 4.83 16.70
C LEU B 83 10.33 4.41 16.73
N TYR B 84 11.10 4.94 15.77
CA TYR B 84 12.53 4.62 15.65
C TYR B 84 13.23 5.62 14.74
N GLU B 85 14.53 5.76 14.93
CA GLU B 85 15.31 6.70 14.14
C GLU B 85 15.49 6.23 12.71
N VAL B 86 15.33 7.16 11.78
CA VAL B 86 15.71 6.98 10.39
C VAL B 86 16.42 8.25 9.94
N ASP B 87 17.69 8.11 9.57
CA ASP B 87 18.53 9.20 9.05
C ASP B 87 18.48 10.48 9.86
N GLY B 88 18.62 10.36 11.17
CA GLY B 88 18.75 11.52 12.04
C GLY B 88 17.45 12.17 12.50
N VAL B 89 16.32 11.64 12.04
CA VAL B 89 15.01 12.10 12.52
C VAL B 89 14.20 10.92 13.06
N LEU B 90 13.04 11.20 13.64
CA LEU B 90 12.25 10.15 14.27
C LEU B 90 11.06 9.78 13.38
N CYS B 91 10.95 8.48 13.07
CA CYS B 91 9.84 8.00 12.27
CA CYS B 91 9.87 7.95 12.25
C CYS B 91 8.82 7.27 13.12
N GLY B 92 7.56 7.39 12.73
CA GLY B 92 6.47 6.74 13.42
C GLY B 92 5.57 5.99 12.45
N GLN B 93 5.16 4.80 12.85
CA GLN B 93 4.27 3.97 12.04
C GLN B 93 3.19 3.42 12.96
N SER B 94 1.95 3.46 12.51
CA SER B 94 0.82 3.03 13.32
CA SER B 94 0.84 2.96 13.30
C SER B 94 -0.36 2.56 12.45
N LEU B 95 -1.14 1.62 12.98
CA LEU B 95 -2.42 1.24 12.41
C LEU B 95 -3.48 1.74 13.36
N MET B 96 -4.54 2.33 12.81
CA MET B 96 -5.66 2.75 13.63
C MET B 96 -6.94 2.15 13.09
N ALA B 97 -7.97 2.08 13.94
CA ALA B 97 -9.23 1.50 13.54
C ALA B 97 -10.39 2.42 13.91
N LEU B 98 -11.15 2.80 12.88
CA LEU B 98 -12.28 3.70 13.03
C LEU B 98 -13.53 2.88 13.26
N LYS B 99 -14.27 3.22 14.32
CA LYS B 99 -15.51 2.52 14.63
C LYS B 99 -16.59 2.93 13.64
N CYS B 100 -17.28 1.94 13.08
CA CYS B 100 -18.30 2.14 12.06
C CYS B 100 -19.63 1.54 12.51
N PRO B 101 -20.75 1.92 11.85
CA PRO B 101 -22.06 1.33 12.15
C PRO B 101 -22.08 -0.20 12.07
N GLY B 102 -22.80 -0.82 13.00
CA GLY B 102 -22.98 -2.27 13.03
C GLY B 102 -21.79 -3.04 13.56
N GLY B 103 -21.08 -2.46 14.53
CA GLY B 103 -19.93 -3.08 15.16
C GLY B 103 -18.74 -3.32 14.25
N ARG B 104 -18.69 -2.57 13.13
CA ARG B 104 -17.62 -2.73 12.14
C ARG B 104 -16.45 -1.78 12.42
N HIS B 105 -15.33 -2.05 11.75
CA HIS B 105 -14.16 -1.19 11.84
C HIS B 105 -13.62 -0.90 10.45
N LEU B 106 -13.04 0.28 10.30
CA LEU B 106 -12.31 0.65 9.09
C LEU B 106 -10.89 1.00 9.51
N ASN B 107 -9.92 0.28 8.96
CA ASN B 107 -8.54 0.49 9.38
C ASN B 107 -7.79 1.44 8.46
N CYS B 108 -6.70 1.99 8.99
CA CYS B 108 -5.83 2.88 8.24
C CYS B 108 -4.40 2.77 8.77
N ARG B 109 -3.45 3.26 7.99
CA ARG B 109 -2.05 3.27 8.38
C ARG B 109 -1.50 4.69 8.36
N LEU B 110 -0.84 5.06 9.45
CA LEU B 110 -0.18 6.36 9.58
C LEU B 110 1.32 6.24 9.33
N HIS B 111 1.81 7.00 8.35
CA HIS B 111 3.24 7.07 8.02
C HIS B 111 3.72 8.45 8.45
N THR B 112 4.47 8.52 9.54
CA THR B 112 4.89 9.82 10.11
C THR B 112 6.41 10.02 10.16
N THR B 113 6.85 11.25 9.90
CA THR B 113 8.19 11.67 10.26
C THR B 113 8.08 12.88 11.19
N TYR B 114 8.71 12.76 12.36
CA TYR B 114 8.80 13.87 13.32
C TYR B 114 10.18 14.49 13.16
N ARG B 115 10.23 15.81 13.01
CA ARG B 115 11.48 16.51 12.73
C ARG B 115 11.74 17.58 13.79
N SER B 116 12.74 17.36 14.63
CA SER B 116 13.14 18.41 15.57
C SER B 116 13.71 19.61 14.83
N LYS B 117 13.47 20.80 15.37
CA LYS B 117 14.09 22.01 14.83
C LYS B 117 15.46 22.26 15.48
N LYS B 118 15.81 21.41 16.44
CA LYS B 118 17.12 21.42 17.08
C LYS B 118 18.14 20.66 16.24
N PRO B 119 19.41 21.13 16.24
CA PRO B 119 20.49 20.36 15.63
C PRO B 119 20.59 18.98 16.26
N ALA B 120 20.93 17.99 15.45
CA ALA B 120 21.11 16.61 15.93
C ALA B 120 22.14 16.49 17.06
N SER B 121 23.10 17.42 17.10
CA SER B 121 24.14 17.43 18.13
C SER B 121 23.59 17.66 19.53
N ALA B 122 22.41 18.28 19.60
CA ALA B 122 21.79 18.65 20.88
C ALA B 122 20.73 17.66 21.35
N LEU B 123 20.58 16.54 20.63
CA LEU B 123 19.47 15.61 20.82
C LEU B 123 19.92 14.18 21.17
N LYS B 124 19.21 13.57 22.12
CA LYS B 124 19.34 12.15 22.37
C LYS B 124 18.21 11.41 21.67
N MET B 125 18.58 10.62 20.65
CA MET B 125 17.61 9.84 19.89
CA MET B 125 17.62 9.82 19.89
C MET B 125 17.18 8.59 20.66
N PRO B 126 15.86 8.37 20.75
CA PRO B 126 15.42 7.17 21.46
C PRO B 126 15.66 5.90 20.64
N GLU B 127 15.80 4.78 21.34
CA GLU B 127 15.81 3.47 20.71
C GLU B 127 14.40 3.13 20.24
N PHE B 128 14.27 2.06 19.46
CA PHE B 128 12.96 1.56 19.04
C PHE B 128 12.04 1.43 20.24
N HIS B 129 10.86 2.04 20.16
CA HIS B 129 9.89 1.96 21.25
C HIS B 129 8.46 2.13 20.77
N PHE B 130 7.52 2.06 21.72
CA PHE B 130 6.10 2.13 21.42
C PHE B 130 5.45 3.31 22.11
N GLU B 131 4.45 3.88 21.44
CA GLU B 131 3.57 4.85 22.07
CA GLU B 131 3.57 4.89 22.04
C GLU B 131 2.13 4.39 22.01
N ASP B 132 1.53 4.21 23.19
CA ASP B 132 0.12 3.85 23.30
C ASP B 132 -0.68 5.16 23.33
N HIS B 133 -1.74 5.22 22.53
CA HIS B 133 -2.56 6.42 22.42
C HIS B 133 -4.04 6.08 22.60
N ARG B 134 -4.77 6.95 23.28
CA ARG B 134 -6.23 6.86 23.29
C ARG B 134 -6.82 8.24 22.99
N ILE B 135 -7.59 8.35 21.92
CA ILE B 135 -8.25 9.59 21.52
C ILE B 135 -9.75 9.43 21.69
N GLU B 136 -10.38 10.39 22.34
CA GLU B 136 -11.83 10.40 22.50
C GLU B 136 -12.39 11.76 22.13
N VAL B 137 -13.45 11.77 21.33
CA VAL B 137 -14.03 13.00 20.81
C VAL B 137 -15.49 13.12 21.21
N LYS B 138 -15.90 14.35 21.52
CA LYS B 138 -17.28 14.68 21.83
C LYS B 138 -17.72 15.78 20.88
N GLU B 139 -18.79 15.53 20.13
CA GLU B 139 -19.34 16.55 19.25
C GLU B 139 -20.32 17.39 20.05
N VAL B 140 -19.97 18.65 20.29
CA VAL B 140 -20.76 19.57 21.12
C VAL B 140 -21.85 20.24 20.28
N GLN B 141 -21.45 20.73 19.11
CA GLN B 141 -22.40 21.24 18.12
C GLN B 141 -22.05 20.69 16.75
N LYS B 142 -23.06 20.14 16.07
CA LYS B 142 -22.84 19.38 14.83
C LYS B 142 -22.02 20.13 13.78
N GLY B 143 -20.88 19.55 13.43
CA GLY B 143 -20.01 20.08 12.39
C GLY B 143 -19.33 21.41 12.71
N LYS B 144 -19.43 21.84 13.96
CA LYS B 144 -18.95 23.17 14.36
C LYS B 144 -18.07 23.18 15.61
N HIS B 145 -18.49 22.46 16.65
CA HIS B 145 -17.80 22.47 17.94
C HIS B 145 -17.55 21.07 18.47
N TYR B 146 -16.27 20.80 18.77
CA TYR B 146 -15.84 19.49 19.27
C TYR B 146 -14.95 19.63 20.48
N GLU B 147 -14.86 18.55 21.26
CA GLU B 147 -13.91 18.43 22.35
C GLU B 147 -13.14 17.14 22.14
N GLN B 148 -11.83 17.18 22.40
CA GLN B 148 -11.00 16.01 22.23
C GLN B 148 -10.10 15.77 23.44
N TYR B 149 -10.03 14.52 23.88
CA TYR B 149 -9.14 14.11 24.96
C TYR B 149 -8.16 13.08 24.41
N GLU B 150 -6.91 13.15 24.87
CA GLU B 150 -5.93 12.11 24.56
C GLU B 150 -5.01 11.79 25.73
N ALA B 151 -4.73 10.49 25.87
CA ALA B 151 -3.73 10.00 26.80
C ALA B 151 -2.69 9.23 26.01
N ALA B 152 -1.42 9.44 26.33
CA ALA B 152 -0.33 8.79 25.62
C ALA B 152 0.82 8.42 26.55
N VAL B 153 1.40 7.25 26.30
CA VAL B 153 2.51 6.71 27.10
CA VAL B 153 2.53 6.76 27.09
C VAL B 153 3.54 6.07 26.18
N ALA B 154 4.82 6.39 26.38
CA ALA B 154 5.91 5.81 25.61
C ALA B 154 6.65 4.79 26.45
N ARG B 155 6.83 3.59 25.90
CA ARG B 155 7.31 2.45 26.66
C ARG B 155 8.03 1.44 25.78
N TYR B 156 8.72 0.50 26.41
CA TYR B 156 9.19 -0.71 25.74
C TYR B 156 8.15 -1.82 25.93
N CME B 157 8.42 -2.99 25.34
CA CME B 157 7.52 -4.14 25.49
CB CME B 157 7.66 -5.09 24.30
SG CME B 157 6.44 -6.36 24.40
SD CME B 157 4.72 -5.37 24.07
CE CME B 157 4.58 -5.29 22.32
CZ CME B 157 4.17 -3.89 21.91
OH CME B 157 2.92 -3.55 22.52
C CME B 157 7.76 -4.87 26.79
O CME B 157 8.57 -5.80 26.84
N ASP B 158 7.07 -4.44 27.84
CA ASP B 158 7.15 -5.11 29.14
C ASP B 158 6.20 -6.31 29.25
N ALA B 159 5.11 -6.29 28.46
CA ALA B 159 4.07 -7.31 28.52
C ALA B 159 4.53 -8.68 28.01
N ALA B 160 5.44 -8.67 27.05
CA ALA B 160 6.02 -9.91 26.51
C ALA B 160 7.54 -9.84 26.63
N PRO B 161 8.09 -10.51 27.66
CA PRO B 161 9.52 -10.36 27.99
C PRO B 161 10.46 -11.17 27.11
N SER B 162 11.69 -10.67 26.98
CA SER B 162 12.76 -11.32 26.22
C SER B 162 13.35 -12.48 27.02
N LYS B 163 13.86 -13.48 26.31
CA LYS B 163 14.66 -14.54 26.95
C LYS B 163 16.15 -14.23 26.76
N LEU B 164 16.44 -13.11 26.10
CA LEU B 164 17.80 -12.70 25.80
C LEU B 164 18.17 -11.38 26.48
N GLY B 165 17.22 -10.83 27.23
CA GLY B 165 17.43 -9.57 27.95
C GLY B 165 17.35 -8.33 27.08
N HIS B 166 16.63 -8.43 25.95
CA HIS B 166 16.33 -7.28 25.11
C HIS B 166 15.32 -6.37 25.78
N HIS B 167 15.23 -5.12 25.31
CA HIS B 167 14.18 -4.20 25.76
C HIS B 167 12.81 -4.75 25.39
N LEU C 5 -7.06 -29.44 26.36
CA LEU C 5 -5.62 -29.06 26.32
C LEU C 5 -4.92 -29.46 27.62
N THR C 6 -3.63 -29.13 27.72
CA THR C 6 -2.85 -29.36 28.94
C THR C 6 -1.96 -28.15 29.27
N GLU C 7 -1.45 -28.11 30.51
CA GLU C 7 -0.59 -27.03 31.02
CA GLU C 7 -0.63 -26.99 30.97
C GLU C 7 0.61 -26.77 30.09
N THR C 8 1.17 -27.84 29.55
CA THR C 8 2.18 -27.75 28.50
CA THR C 8 2.18 -27.74 28.50
C THR C 8 1.72 -28.56 27.29
N MET C 9 1.63 -27.90 26.14
CA MET C 9 1.19 -28.52 24.90
C MET C 9 2.35 -28.61 23.92
N PRO C 10 2.58 -29.81 23.36
CA PRO C 10 3.54 -29.96 22.28
C PRO C 10 2.92 -29.73 20.90
N PHE C 11 3.72 -29.28 19.95
CA PHE C 11 3.26 -29.11 18.58
C PHE C 11 4.30 -29.54 17.55
N ARG C 12 3.82 -29.98 16.39
CA ARG C 12 4.70 -30.30 15.27
CA ARG C 12 4.69 -30.32 15.26
C ARG C 12 4.26 -29.55 14.01
N MET C 13 5.23 -29.31 13.13
CA MET C 13 5.01 -28.46 11.97
CA MET C 13 4.99 -28.47 11.95
C MET C 13 5.70 -29.00 10.71
N THR C 14 5.02 -28.88 9.57
CA THR C 14 5.62 -29.10 8.26
C THR C 14 5.36 -27.84 7.43
N MET C 15 6.38 -27.41 6.70
CA MET C 15 6.32 -26.17 5.91
CA MET C 15 6.30 -26.18 5.90
C MET C 15 6.94 -26.37 4.54
N GLU C 16 6.25 -25.90 3.50
CA GLU C 16 6.79 -25.88 2.14
CA GLU C 16 6.81 -25.87 2.15
C GLU C 16 6.50 -24.55 1.46
N GLY C 17 7.47 -24.07 0.69
CA GLY C 17 7.29 -22.82 -0.02
C GLY C 17 8.33 -22.47 -1.05
N THR C 18 8.13 -21.32 -1.68
CA THR C 18 9.04 -20.76 -2.65
C THR C 18 9.20 -19.28 -2.30
N VAL C 19 10.46 -18.82 -2.24
CA VAL C 19 10.77 -17.42 -2.01
C VAL C 19 11.78 -16.96 -3.05
N ASN C 20 11.39 -15.99 -3.87
CA ASN C 20 12.23 -15.47 -4.95
C ASN C 20 12.77 -16.56 -5.87
N GLY C 21 11.95 -17.58 -6.11
CA GLY C 21 12.34 -18.69 -6.99
C GLY C 21 13.01 -19.86 -6.30
N HIS C 22 13.32 -19.71 -5.00
CA HIS C 22 13.96 -20.75 -4.20
CA HIS C 22 13.95 -20.78 -4.25
C HIS C 22 12.92 -21.62 -3.48
N HIS C 23 12.88 -22.91 -3.82
CA HIS C 23 12.00 -23.86 -3.15
CA HIS C 23 11.99 -23.84 -3.12
C HIS C 23 12.67 -24.42 -1.89
N PHE C 24 11.89 -24.61 -0.84
CA PHE C 24 12.40 -25.15 0.42
C PHE C 24 11.31 -25.93 1.15
N LYS C 25 11.75 -26.81 2.05
CA LYS C 25 10.85 -27.47 2.98
C LYS C 25 11.43 -27.38 4.39
N CYS C 26 10.56 -27.21 5.37
CA CYS C 26 10.94 -27.14 6.77
C CYS C 26 10.08 -28.07 7.60
N THR C 27 10.65 -28.58 8.68
CA THR C 27 9.87 -29.26 9.71
C THR C 27 10.21 -28.61 11.04
N GLY C 28 9.31 -28.74 11.99
CA GLY C 28 9.55 -28.23 13.32
C GLY C 28 8.78 -28.98 14.38
N LYS C 29 9.24 -28.85 15.62
CA LYS C 29 8.46 -29.29 16.76
C LYS C 29 8.79 -28.42 17.95
N GLY C 30 7.83 -28.29 18.86
CA GLY C 30 8.04 -27.47 20.03
C GLY C 30 7.04 -27.75 21.12
N GLU C 31 7.00 -26.82 22.06
CA GLU C 31 6.16 -26.94 23.25
C GLU C 31 5.88 -25.54 23.75
N GLY C 32 4.78 -25.39 24.48
CA GLY C 32 4.48 -24.13 25.14
C GLY C 32 3.42 -24.25 26.20
N ASN C 33 3.27 -23.19 26.98
CA ASN C 33 2.19 -23.08 27.94
C ASN C 33 1.06 -22.25 27.33
N PRO C 34 -0.04 -22.91 26.92
CA PRO C 34 -1.14 -22.26 26.21
C PRO C 34 -1.79 -21.11 26.97
N PHE C 35 -1.80 -21.22 28.30
CA PHE C 35 -2.51 -20.25 29.14
C PHE C 35 -1.59 -19.14 29.66
N GLU C 36 -0.28 -19.37 29.59
CA GLU C 36 0.73 -18.38 29.94
CA GLU C 36 0.69 -18.34 29.94
C GLU C 36 1.22 -17.63 28.69
N GLY C 37 0.90 -18.18 27.52
CA GLY C 37 1.23 -17.54 26.25
C GLY C 37 2.69 -17.60 25.83
N THR C 38 3.41 -18.63 26.27
CA THR C 38 4.81 -18.79 25.93
C THR C 38 5.02 -20.09 25.17
N GLN C 39 6.03 -20.11 24.31
CA GLN C 39 6.36 -21.29 23.51
C GLN C 39 7.78 -21.27 22.96
N ASP C 40 8.31 -22.47 22.71
CA ASP C 40 9.63 -22.65 22.12
C ASP C 40 9.56 -23.75 21.08
N MET C 41 10.41 -23.67 20.05
CA MET C 41 10.44 -24.70 19.01
C MET C 41 11.77 -24.78 18.27
N LYS C 42 12.02 -25.93 17.67
CA LYS C 42 13.15 -26.14 16.76
C LYS C 42 12.61 -26.18 15.34
N ILE C 43 13.35 -25.56 14.41
CA ILE C 43 12.99 -25.63 12.99
C ILE C 43 14.20 -26.15 12.22
N GLU C 44 13.97 -27.16 11.38
CA GLU C 44 15.02 -27.67 10.50
C GLU C 44 14.62 -27.49 9.04
N VAL C 45 15.57 -26.99 8.25
CA VAL C 45 15.40 -26.88 6.80
C VAL C 45 15.82 -28.22 6.18
N ILE C 46 14.82 -28.99 5.75
CA ILE C 46 15.06 -30.35 5.22
C ILE C 46 15.24 -30.42 3.70
N GLU C 47 14.73 -29.40 3.00
CA GLU C 47 14.96 -29.25 1.55
C GLU C 47 15.26 -27.79 1.22
N GLY C 48 16.17 -27.59 0.29
CA GLY C 48 16.52 -26.25 -0.17
C GLY C 48 17.48 -25.51 0.75
N GLY C 49 18.09 -26.24 1.68
CA GLY C 49 19.10 -25.67 2.57
C GLY C 49 20.49 -25.73 1.97
N PRO C 50 21.39 -24.83 2.41
CA PRO C 50 21.15 -23.78 3.41
C PRO C 50 20.29 -22.66 2.85
N LEU C 51 19.30 -22.21 3.63
CA LEU C 51 18.36 -21.17 3.19
C LEU C 51 19.09 -19.96 2.61
N PRO C 52 18.80 -19.62 1.35
CA PRO C 52 19.45 -18.50 0.67
C PRO C 52 18.75 -17.18 0.95
N PHE C 53 18.04 -17.10 2.07
CA PHE C 53 17.40 -15.86 2.52
C PHE C 53 17.27 -15.83 4.05
N ALA C 54 17.07 -14.63 4.60
CA ALA C 54 16.92 -14.46 6.04
C ALA C 54 15.74 -15.27 6.56
N PHE C 55 16.00 -16.17 7.51
CA PHE C 55 14.96 -17.00 8.11
C PHE C 55 13.85 -16.16 8.77
N ASP C 56 14.18 -14.94 9.17
CA ASP C 56 13.25 -14.04 9.86
C ASP C 56 11.90 -13.89 9.15
N ILE C 57 11.89 -13.98 7.82
CA ILE C 57 10.64 -13.81 7.05
C ILE C 57 9.65 -14.98 7.24
N LEU C 58 10.14 -16.08 7.80
CA LEU C 58 9.32 -17.26 8.06
C LEU C 58 8.84 -17.37 9.52
N SER C 59 9.36 -16.50 10.38
CA SER C 59 9.09 -16.56 11.82
C SER C 59 7.61 -16.57 12.19
N THR C 60 6.83 -15.68 11.57
CA THR C 60 5.42 -15.55 11.89
C THR C 60 4.57 -16.67 11.32
N SER C 61 5.21 -17.60 10.61
CA SER C 61 4.50 -18.71 9.99
C SER C 61 4.78 -20.03 10.70
N CYS C 62 5.78 -20.03 11.58
CA CYS C 62 6.35 -21.26 12.11
C CYS C 62 5.45 -21.92 13.15
N1 NRQ D 1 4.05 -19.49 14.68
N1 NRQ D 1 4.03 -19.55 14.58
CE NRQ D 1 7.14 -20.67 18.03
CE NRQ D 1 7.24 -20.76 18.16
SD NRQ D 1 7.15 -18.95 17.65
SD NRQ D 1 7.20 -19.04 17.81
CG1 NRQ D 1 5.53 -18.66 17.03
CG1 NRQ D 1 5.60 -18.82 17.12
CB1 NRQ D 1 5.55 -17.98 15.65
CB1 NRQ D 1 5.70 -18.28 15.70
CA1 NRQ D 1 4.25 -18.24 14.95
CA1 NRQ D 1 4.36 -18.38 15.01
C1 NRQ D 1 3.29 -17.19 14.64
C1 NRQ D 1 3.54 -17.21 14.86
N2 NRQ D 1 3.42 -15.83 14.91
N2 NRQ D 1 3.86 -15.93 15.21
OH NRQ D 1 3.42 -8.69 15.65
OH NRQ D 1 0.55 -9.12 13.81
CD2 NRQ D 1 3.55 -12.25 15.36
CD2 NRQ D 1 1.08 -12.57 14.27
CE2 NRQ D 1 3.93 -10.93 15.64
CE2 NRQ D 1 0.47 -11.39 13.92
CZ NRQ D 1 3.06 -9.86 15.38
CZ NRQ D 1 1.13 -10.18 14.13
CE1 NRQ D 1 1.81 -10.10 14.83
CE1 NRQ D 1 2.39 -10.14 14.71
CD1 NRQ D 1 1.42 -11.40 14.53
CD1 NRQ D 1 3.00 -11.33 15.06
CG2 NRQ D 1 2.28 -12.48 14.82
CG2 NRQ D 1 2.33 -12.52 14.83
CB2 NRQ D 1 1.85 -13.86 14.45
CB2 NRQ D 1 3.00 -13.78 15.22
CA2 NRQ D 1 2.30 -15.22 14.45
CA2 NRQ D 1 2.82 -15.16 14.90
C2 NRQ D 1 1.51 -16.27 13.91
C2 NRQ D 1 1.84 -16.05 14.35
O2 NRQ D 1 0.36 -16.06 13.38
O2 NRQ D 1 0.69 -15.74 13.92
N3 NRQ D 1 2.08 -17.45 14.03
N3 NRQ D 1 2.30 -17.27 14.33
CA3 NRQ D 1 1.57 -18.76 13.53
CA3 NRQ D 1 1.74 -18.54 13.94
C3 NRQ D 1 0.71 -19.74 14.30
C3 NRQ D 1 1.43 -19.47 15.08
O3 NRQ D 1 0.48 -20.86 13.84
O3 NRQ D 1 0.81 -20.41 14.60
N SER D 2 1.67 -19.43 16.41
CA SER D 2 1.10 -20.58 17.13
C SER D 2 0.10 -19.93 18.05
N LYS D 3 -1.08 -19.65 17.49
CA LYS D 3 -2.07 -18.78 18.12
C LYS D 3 -2.78 -19.42 19.31
N THR D 4 -2.52 -20.71 19.53
CA THR D 4 -3.08 -21.40 20.68
C THR D 4 -2.36 -20.94 21.95
N PHE D 5 -1.13 -20.48 21.78
CA PHE D 5 -0.29 -20.06 22.90
C PHE D 5 -0.33 -18.54 23.11
N ILE D 6 -1.46 -18.07 23.63
CA ILE D 6 -1.64 -16.67 24.00
C ILE D 6 -2.27 -16.60 25.40
N LYS D 7 -1.75 -15.69 26.21
CA LYS D 7 -2.33 -15.39 27.51
C LYS D 7 -3.42 -14.33 27.36
N TYR D 8 -4.68 -14.72 27.57
CA TYR D 8 -5.80 -13.78 27.49
C TYR D 8 -6.16 -13.23 28.86
N VAL D 9 -6.14 -11.90 28.98
CA VAL D 9 -6.52 -11.23 30.22
C VAL D 9 -7.87 -10.50 30.05
N SER D 10 -8.40 -9.96 31.15
CA SER D 10 -9.62 -9.15 31.16
C SER D 10 -10.87 -9.86 30.59
N GLY D 11 -10.85 -11.19 30.58
CA GLY D 11 -12.01 -11.97 30.13
C GLY D 11 -12.28 -11.94 28.63
N ILE D 12 -11.27 -11.57 27.84
CA ILE D 12 -11.38 -11.59 26.38
C ILE D 12 -11.51 -13.04 25.90
N PRO D 13 -12.58 -13.33 25.13
CA PRO D 13 -12.79 -14.65 24.55
C PRO D 13 -11.63 -15.09 23.65
N ASP D 14 -11.32 -16.39 23.73
CA ASP D 14 -10.17 -16.97 23.04
C ASP D 14 -10.64 -17.70 21.80
N TYR D 15 -10.69 -16.99 20.68
CA TYR D 15 -11.15 -17.52 19.39
C TYR D 15 -10.47 -18.84 19.02
N PHE D 16 -9.19 -18.95 19.36
CA PHE D 16 -8.37 -20.09 18.96
C PHE D 16 -8.59 -21.32 19.83
N LYS D 17 -8.49 -21.16 21.15
CA LYS D 17 -8.75 -22.26 22.08
C LYS D 17 -10.20 -22.74 22.02
N GLN D 18 -11.13 -21.82 21.75
CA GLN D 18 -12.54 -22.16 21.53
C GLN D 18 -12.77 -23.05 20.30
N SER D 19 -11.81 -23.03 19.37
CA SER D 19 -11.97 -23.69 18.07
C SER D 19 -11.70 -25.20 18.09
N PHE D 20 -11.01 -25.67 19.12
CA PHE D 20 -10.69 -27.09 19.25
C PHE D 20 -11.90 -27.88 19.76
N PRO D 21 -11.99 -29.19 19.41
CA PRO D 21 -11.02 -30.05 18.74
C PRO D 21 -10.86 -29.82 17.24
N GLU D 22 -11.84 -29.17 16.61
CA GLU D 22 -11.82 -28.95 15.15
C GLU D 22 -10.56 -28.24 14.67
N GLY D 23 -10.17 -27.18 15.38
CA GLY D 23 -9.01 -26.39 15.00
C GLY D 23 -9.38 -25.15 14.22
N PHE D 24 -8.39 -24.56 13.55
CA PHE D 24 -8.59 -23.34 12.78
C PHE D 24 -7.53 -23.24 11.68
N THR D 25 -7.75 -22.29 10.76
CA THR D 25 -6.77 -21.94 9.77
C THR D 25 -6.46 -20.45 9.89
N TRP D 26 -5.32 -20.04 9.35
CA TRP D 26 -5.07 -18.63 9.14
C TRP D 26 -4.42 -18.38 7.78
N GLU D 27 -4.58 -17.16 7.27
CA GLU D 27 -4.04 -16.78 5.99
C GLU D 27 -3.52 -15.37 6.13
N ARG D 28 -2.40 -15.09 5.48
CA ARG D 28 -1.72 -13.82 5.69
C ARG D 28 -0.92 -13.42 4.47
N THR D 29 -0.90 -12.12 4.18
CA THR D 29 0.10 -11.55 3.30
C THR D 29 0.82 -10.46 4.08
N THR D 30 2.14 -10.56 4.11
CA THR D 30 2.99 -9.57 4.73
C THR D 30 3.64 -8.73 3.63
N THR D 31 3.40 -7.42 3.65
CA THR D 31 3.98 -6.51 2.67
C THR D 31 5.16 -5.75 3.27
N TYR D 32 6.33 -5.88 2.63
CA TYR D 32 7.57 -5.26 3.12
C TYR D 32 7.77 -3.90 2.47
N GLU D 33 8.33 -2.95 3.22
CA GLU D 33 8.43 -1.57 2.73
C GLU D 33 9.36 -1.44 1.53
N ASP D 34 10.23 -2.41 1.33
CA ASP D 34 11.14 -2.39 0.18
C ASP D 34 10.65 -3.22 -1.01
N GLY D 35 9.40 -3.67 -0.96
CA GLY D 35 8.76 -4.30 -2.11
C GLY D 35 8.56 -5.79 -2.04
N GLY D 36 9.12 -6.42 -1.00
CA GLY D 36 8.92 -7.85 -0.79
C GLY D 36 7.51 -8.19 -0.33
N PHE D 37 7.06 -9.40 -0.69
CA PHE D 37 5.78 -9.93 -0.22
C PHE D 37 5.99 -11.34 0.33
N LEU D 38 5.38 -11.63 1.47
CA LEU D 38 5.40 -13.00 2.00
C LEU D 38 3.98 -13.45 2.32
N THR D 39 3.50 -14.43 1.56
CA THR D 39 2.13 -14.94 1.70
C THR D 39 2.16 -16.36 2.29
N ALA D 40 1.24 -16.61 3.22
CA ALA D 40 1.18 -17.89 3.92
C ALA D 40 -0.26 -18.32 4.15
N HIS D 41 -0.49 -19.64 4.04
CA HIS D 41 -1.71 -20.26 4.54
C HIS D 41 -1.29 -21.32 5.54
N GLN D 42 -2.03 -21.41 6.63
CA GLN D 42 -1.71 -22.37 7.69
C GLN D 42 -2.95 -23.12 8.14
N ASP D 43 -2.78 -24.41 8.38
CA ASP D 43 -3.83 -25.23 8.96
C ASP D 43 -3.37 -25.69 10.35
N THR D 44 -4.24 -25.54 11.35
CA THR D 44 -3.96 -26.00 12.72
C THR D 44 -4.99 -27.05 13.13
N SER D 45 -4.49 -28.23 13.47
CA SER D 45 -5.34 -29.33 13.93
C SER D 45 -4.84 -29.90 15.25
N LEU D 46 -5.75 -30.56 15.97
CA LEU D 46 -5.41 -31.25 17.20
C LEU D 46 -5.50 -32.76 16.99
N ASP D 47 -4.34 -33.41 17.00
CA ASP D 47 -4.26 -34.87 16.84
C ASP D 47 -3.90 -35.50 18.19
N GLY D 48 -4.93 -35.94 18.91
CA GLY D 48 -4.76 -36.45 20.26
C GLY D 48 -4.49 -35.32 21.23
N ASP D 49 -3.26 -35.22 21.70
CA ASP D 49 -2.82 -34.06 22.48
C ASP D 49 -1.61 -33.37 21.83
N CME D 50 -1.45 -33.61 20.53
CA CME D 50 -0.41 -32.96 19.74
CB CME D 50 0.41 -34.03 19.03
SG CME D 50 1.58 -33.33 17.89
SD CME D 50 3.17 -32.73 18.95
CE CME D 50 3.66 -34.12 19.92
CZ CME D 50 4.38 -35.15 19.06
OH CME D 50 5.24 -34.52 18.11
C CME D 50 -1.04 -31.99 18.77
O CME D 50 -1.98 -32.34 18.04
N LEU D 51 -0.55 -30.76 18.77
CA LEU D 51 -0.98 -29.75 17.80
C LEU D 51 -0.20 -29.92 16.50
N VAL D 52 -0.91 -29.89 15.38
CA VAL D 52 -0.29 -30.11 14.08
C VAL D 52 -0.44 -28.86 13.20
N TYR D 53 0.69 -28.32 12.76
CA TYR D 53 0.71 -27.15 11.88
C TYR D 53 1.16 -27.55 10.48
N LYS D 54 0.37 -27.14 9.49
CA LYS D 54 0.75 -27.34 8.08
CA LYS D 54 0.73 -27.35 8.08
C LYS D 54 0.75 -25.98 7.39
N VAL D 55 1.91 -25.58 6.88
CA VAL D 55 2.11 -24.23 6.35
CA VAL D 55 2.11 -24.23 6.34
C VAL D 55 2.52 -24.22 4.88
N LYS D 56 1.89 -23.35 4.09
CA LYS D 56 2.29 -23.13 2.71
CA LYS D 56 2.23 -23.12 2.68
C LYS D 56 2.74 -21.69 2.54
N ILE D 57 3.89 -21.52 1.90
CA ILE D 57 4.55 -20.21 1.77
C ILE D 57 4.81 -19.81 0.32
N LEU D 58 4.46 -18.58 -0.03
CA LEU D 58 4.91 -17.98 -1.29
C LEU D 58 5.44 -16.58 -1.02
N GLY D 59 6.73 -16.39 -1.26
CA GLY D 59 7.37 -15.09 -1.11
C GLY D 59 7.96 -14.60 -2.41
N ASN D 60 7.92 -13.30 -2.65
CA ASN D 60 8.37 -12.76 -3.92
C ASN D 60 8.80 -11.30 -3.87
N ASN D 61 9.48 -10.84 -4.91
CA ASN D 61 9.84 -9.43 -5.09
C ASN D 61 10.79 -8.86 -4.02
N PHE D 62 11.44 -9.73 -3.23
CA PHE D 62 12.44 -9.26 -2.26
C PHE D 62 13.65 -8.72 -3.01
N PRO D 63 14.07 -7.48 -2.71
CA PRO D 63 15.21 -6.91 -3.45
C PRO D 63 16.47 -7.76 -3.26
N ALA D 64 17.22 -7.94 -4.34
CA ALA D 64 18.45 -8.75 -4.29
C ALA D 64 19.47 -8.18 -3.31
N ASP D 65 19.51 -6.86 -3.19
CA ASP D 65 20.46 -6.16 -2.34
C ASP D 65 19.91 -5.87 -0.92
N GLY D 66 18.68 -6.31 -0.66
CA GLY D 66 18.04 -6.07 0.63
C GLY D 66 18.49 -7.02 1.72
N PRO D 67 18.19 -6.69 2.99
CA PRO D 67 18.62 -7.50 4.13
C PRO D 67 18.08 -8.93 4.13
N VAL D 68 16.94 -9.15 3.48
CA VAL D 68 16.33 -10.48 3.42
C VAL D 68 17.13 -11.43 2.51
N MET D 69 17.37 -11.01 1.27
CA MET D 69 18.10 -11.84 0.30
C MET D 69 19.61 -11.87 0.55
N GLN D 70 20.13 -10.83 1.20
CA GLN D 70 21.53 -10.79 1.61
C GLN D 70 21.76 -11.53 2.93
N ASN D 71 20.67 -11.99 3.54
CA ASN D 71 20.70 -12.77 4.78
C ASN D 71 21.39 -12.01 5.93
N LYS D 72 21.06 -10.73 6.05
CA LYS D 72 21.71 -9.84 7.03
C LYS D 72 20.72 -9.25 8.03
N ALA D 73 19.59 -9.92 8.22
CA ALA D 73 18.57 -9.49 9.17
C ALA D 73 18.96 -9.86 10.60
N GLY D 74 18.56 -9.03 11.56
CA GLY D 74 18.91 -9.23 12.96
C GLY D 74 17.76 -9.60 13.89
N GLY D 75 16.67 -10.10 13.31
CA GLY D 75 15.50 -10.50 14.09
C GLY D 75 14.47 -9.38 14.19
N TRP D 76 13.33 -9.68 14.81
CA TRP D 76 12.21 -8.76 14.87
C TRP D 76 12.15 -8.00 16.19
N GLU D 77 11.66 -6.77 16.13
CA GLU D 77 11.30 -6.05 17.34
C GLU D 77 10.01 -6.66 17.88
N PRO D 78 9.69 -6.44 19.17
CA PRO D 78 8.36 -6.86 19.60
C PRO D 78 7.30 -6.07 18.83
N GLY D 79 6.08 -6.61 18.78
CA GLY D 79 5.03 -6.01 17.99
C GLY D 79 3.66 -6.08 18.62
N CYS D 80 2.74 -5.29 18.07
CA CYS D 80 1.36 -5.23 18.53
CA CYS D 80 1.35 -5.26 18.52
C CYS D 80 0.45 -5.58 17.35
N GLU D 81 -0.54 -6.45 17.58
CA GLU D 81 -1.53 -6.76 16.55
C GLU D 81 -2.88 -6.29 17.04
N ILE D 82 -3.67 -5.69 16.15
CA ILE D 82 -5.06 -5.39 16.46
C ILE D 82 -5.94 -6.47 15.84
N LEU D 83 -6.93 -6.92 16.61
CA LEU D 83 -7.83 -7.99 16.17
C LEU D 83 -9.28 -7.62 16.42
N TYR D 84 -10.12 -7.94 15.44
CA TYR D 84 -11.54 -7.64 15.49
C TYR D 84 -12.30 -8.47 14.47
N GLU D 85 -13.59 -8.68 14.72
CA GLU D 85 -14.43 -9.44 13.80
C GLU D 85 -14.74 -8.69 12.52
N VAL D 86 -14.64 -9.40 11.40
CA VAL D 86 -15.28 -8.98 10.14
C VAL D 86 -15.80 -10.18 9.35
N ASP D 87 -17.05 -10.08 8.90
CA ASP D 87 -17.73 -11.13 8.12
C ASP D 87 -17.85 -12.46 8.88
N GLY D 88 -17.92 -12.41 10.20
CA GLY D 88 -18.07 -13.63 11.02
C GLY D 88 -16.81 -14.43 11.28
N VAL D 89 -15.65 -13.85 10.94
CA VAL D 89 -14.35 -14.45 11.27
C VAL D 89 -13.47 -13.39 11.94
N LEU D 90 -12.29 -13.79 12.37
CA LEU D 90 -11.42 -12.89 13.12
C LEU D 90 -10.30 -12.35 12.25
N CYS D 91 -10.23 -11.02 12.14
CA CYS D 91 -9.17 -10.39 11.36
CA CYS D 91 -9.19 -10.36 11.36
C CYS D 91 -8.10 -9.78 12.25
N GLY D 92 -6.87 -9.80 11.76
CA GLY D 92 -5.74 -9.25 12.48
C GLY D 92 -4.93 -8.35 11.58
N GLN D 93 -4.41 -7.27 12.16
CA GLN D 93 -3.57 -6.33 11.43
C GLN D 93 -2.41 -5.91 12.33
N SER D 94 -1.19 -5.91 11.80
CA SER D 94 -0.01 -5.56 12.57
CA SER D 94 -0.02 -5.54 12.58
C SER D 94 1.09 -4.94 11.71
N LEU D 95 1.91 -4.12 12.33
CA LEU D 95 3.14 -3.64 11.74
C LEU D 95 4.28 -4.26 12.50
N MET D 96 5.27 -4.76 11.77
CA MET D 96 6.47 -5.30 12.39
C MET D 96 7.71 -4.61 11.85
N ALA D 97 8.80 -4.68 12.60
CA ALA D 97 10.03 -4.01 12.21
C ALA D 97 11.21 -4.95 12.32
N LEU D 98 11.87 -5.17 11.18
CA LEU D 98 13.01 -6.08 11.08
C LEU D 98 14.29 -5.32 11.37
N LYS D 99 15.11 -5.87 12.27
CA LYS D 99 16.39 -5.24 12.60
C LYS D 99 17.40 -5.42 11.48
N CYS D 100 18.05 -4.33 11.10
CA CYS D 100 18.98 -4.33 9.98
C CYS D 100 20.36 -3.80 10.40
N PRO D 101 21.41 -4.12 9.62
CA PRO D 101 22.77 -3.64 9.93
C PRO D 101 22.81 -2.12 10.13
N GLY D 102 23.58 -1.69 11.13
CA GLY D 102 23.75 -0.27 11.40
C GLY D 102 22.67 0.37 12.25
N GLY D 103 21.93 -0.44 12.99
CA GLY D 103 20.87 0.05 13.89
C GLY D 103 19.66 0.59 13.13
N ARG D 104 19.44 0.05 11.94
CA ARG D 104 18.30 0.47 11.11
C ARG D 104 17.17 -0.55 11.18
N HIS D 105 15.99 -0.16 10.73
CA HIS D 105 14.83 -1.06 10.70
C HIS D 105 14.17 -1.06 9.33
N LEU D 106 13.59 -2.22 8.98
CA LEU D 106 12.79 -2.36 7.78
C LEU D 106 11.39 -2.80 8.22
N ASN D 107 10.39 -1.97 7.94
CA ASN D 107 9.04 -2.29 8.40
C ASN D 107 8.19 -3.07 7.38
N CYS D 108 7.14 -3.68 7.89
CA CYS D 108 6.21 -4.45 7.07
C CYS D 108 4.84 -4.45 7.72
N ARG D 109 3.82 -4.77 6.93
CA ARG D 109 2.45 -4.86 7.42
C ARG D 109 1.88 -6.26 7.23
N LEU D 110 1.28 -6.80 8.28
CA LEU D 110 0.69 -8.13 8.23
C LEU D 110 -0.83 -8.01 8.11
N HIS D 111 -1.36 -8.60 7.05
CA HIS D 111 -2.81 -8.65 6.82
C HIS D 111 -3.27 -10.10 7.02
N THR D 112 -4.00 -10.35 8.10
CA THR D 112 -4.34 -11.72 8.49
C THR D 112 -5.84 -11.94 8.64
N THR D 113 -6.30 -13.12 8.24
CA THR D 113 -7.63 -13.59 8.58
C THR D 113 -7.51 -14.94 9.27
N TYR D 114 -8.13 -15.05 10.44
CA TYR D 114 -8.16 -16.30 11.20
C TYR D 114 -9.54 -16.91 11.07
N ARG D 115 -9.57 -18.18 10.69
CA ARG D 115 -10.83 -18.86 10.38
C ARG D 115 -11.01 -20.10 11.26
N SER D 116 -11.99 -20.05 12.16
CA SER D 116 -12.32 -21.23 12.97
C SER D 116 -12.93 -22.31 12.08
N LYS D 117 -12.70 -23.57 12.45
CA LYS D 117 -13.36 -24.68 11.78
C LYS D 117 -14.70 -25.01 12.43
N LYS D 118 -14.97 -24.37 13.57
CA LYS D 118 -16.30 -24.35 14.17
C LYS D 118 -17.14 -23.28 13.48
N PRO D 119 -18.47 -23.48 13.40
CA PRO D 119 -19.33 -22.42 12.87
C PRO D 119 -19.39 -21.24 13.83
N ALA D 120 -19.58 -20.03 13.28
CA ALA D 120 -19.60 -18.80 14.06
C ALA D 120 -20.59 -18.84 15.22
N SER D 121 -21.72 -19.51 15.00
CA SER D 121 -22.77 -19.66 16.01
C SER D 121 -22.31 -20.41 17.28
N ALA D 122 -21.21 -21.15 17.17
CA ALA D 122 -20.68 -21.95 18.29
C ALA D 122 -19.60 -21.23 19.10
N LEU D 123 -19.14 -20.08 18.61
CA LEU D 123 -18.08 -19.31 19.28
C LEU D 123 -18.60 -18.05 19.95
N LYS D 124 -17.92 -17.63 21.01
CA LYS D 124 -18.05 -16.27 21.51
C LYS D 124 -16.94 -15.45 20.85
N MET D 125 -17.31 -14.57 19.94
N MET D 125 -17.35 -14.51 20.02
CA MET D 125 -16.35 -13.72 19.24
CA MET D 125 -16.43 -13.63 19.29
C MET D 125 -15.88 -12.60 20.16
C MET D 125 -15.88 -12.53 20.20
N PRO D 126 -14.54 -12.37 20.23
CA PRO D 126 -13.97 -11.29 21.03
C PRO D 126 -14.26 -9.91 20.44
N GLU D 127 -14.30 -8.91 21.32
CA GLU D 127 -14.38 -7.51 20.89
C GLU D 127 -13.00 -7.10 20.40
N PHE D 128 -12.93 -5.90 19.81
CA PHE D 128 -11.64 -5.32 19.42
C PHE D 128 -10.64 -5.41 20.56
N HIS D 129 -9.46 -5.97 20.27
CA HIS D 129 -8.41 -6.05 21.27
C HIS D 129 -7.02 -6.10 20.64
N PHE D 130 -6.01 -6.10 21.50
CA PHE D 130 -4.61 -6.10 21.08
C PHE D 130 -3.93 -7.38 21.51
N GLU D 131 -2.95 -7.80 20.71
CA GLU D 131 -2.09 -8.92 21.04
CA GLU D 131 -2.10 -8.91 21.07
C GLU D 131 -0.64 -8.47 20.98
N ASP D 132 0.04 -8.48 22.12
CA ASP D 132 1.45 -8.15 22.18
C ASP D 132 2.23 -9.43 21.90
N HIS D 133 3.28 -9.31 21.08
CA HIS D 133 4.10 -10.47 20.68
C HIS D 133 5.57 -10.13 20.75
N ARG D 134 6.38 -11.12 21.10
CA ARG D 134 7.81 -11.00 20.98
C ARG D 134 8.35 -12.30 20.42
N ILE D 135 9.05 -12.20 19.29
CA ILE D 135 9.65 -13.36 18.65
C ILE D 135 11.17 -13.23 18.70
N GLU D 136 11.83 -14.29 19.15
CA GLU D 136 13.29 -14.33 19.18
C GLU D 136 13.79 -15.60 18.52
N VAL D 137 14.79 -15.45 17.67
CA VAL D 137 15.33 -16.55 16.88
C VAL D 137 16.83 -16.72 17.14
N LYS D 138 17.25 -17.98 17.21
CA LYS D 138 18.68 -18.30 17.29
C LYS D 138 19.04 -19.24 16.15
N GLU D 139 20.07 -18.88 15.38
CA GLU D 139 20.54 -19.72 14.30
C GLU D 139 21.57 -20.70 14.84
N VAL D 140 21.14 -21.96 14.99
CA VAL D 140 21.99 -23.04 15.51
C VAL D 140 23.02 -23.45 14.45
N GLN D 141 22.54 -23.75 13.25
CA GLN D 141 23.43 -24.05 12.12
C GLN D 141 23.03 -23.23 10.89
N LYS D 142 24.04 -22.64 10.25
CA LYS D 142 23.85 -21.78 9.08
C LYS D 142 22.85 -22.31 8.04
N GLY D 143 21.72 -21.62 7.95
CA GLY D 143 20.69 -21.93 6.95
C GLY D 143 19.99 -23.27 7.08
N LYS D 144 20.24 -23.97 8.18
CA LYS D 144 19.72 -25.34 8.35
C LYS D 144 18.93 -25.52 9.65
N HIS D 145 19.50 -25.08 10.76
CA HIS D 145 18.91 -25.29 12.09
C HIS D 145 18.68 -24.00 12.84
N TYR D 146 17.45 -23.83 13.33
CA TYR D 146 17.03 -22.62 14.04
C TYR D 146 16.22 -22.96 15.29
N GLU D 147 16.28 -22.07 16.28
CA GLU D 147 15.41 -22.15 17.45
C GLU D 147 14.59 -20.87 17.54
N GLN D 148 13.33 -20.99 17.93
CA GLN D 148 12.45 -19.82 18.03
C GLN D 148 11.62 -19.79 19.31
N TYR D 149 11.61 -18.62 19.94
CA TYR D 149 10.82 -18.37 21.15
C TYR D 149 9.79 -17.27 20.89
N GLU D 150 8.57 -17.44 21.42
CA GLU D 150 7.56 -16.38 21.38
C GLU D 150 6.73 -16.28 22.65
N ALA D 151 6.55 -15.04 23.11
CA ALA D 151 5.60 -14.73 24.17
C ALA D 151 4.50 -13.84 23.62
N ALA D 152 3.25 -14.12 23.99
CA ALA D 152 2.10 -13.38 23.47
C ALA D 152 1.03 -13.18 24.53
N VAL D 153 0.52 -11.94 24.62
CA VAL D 153 -0.54 -11.59 25.55
C VAL D 153 -1.64 -10.81 24.83
N ALA D 154 -2.89 -11.19 25.07
CA ALA D 154 -4.05 -10.49 24.54
C ALA D 154 -4.72 -9.65 25.62
N ARG D 155 -5.00 -8.38 25.30
CA ARG D 155 -5.43 -7.39 26.28
C ARG D 155 -6.24 -6.27 25.64
N TYR D 156 -6.88 -5.46 26.49
CA TYR D 156 -7.40 -4.17 26.08
C TYR D 156 -6.33 -3.11 26.39
N CME D 157 -6.62 -1.85 26.08
CA CME D 157 -5.70 -0.76 26.36
CB CME D 157 -5.90 0.38 25.35
SG CME D 157 -4.67 1.61 25.57
SD CME D 157 -2.97 0.76 24.92
CE CME D 157 -2.95 1.15 23.21
CZ CME D 157 -2.69 -0.11 22.37
OH CME D 157 -1.65 -0.90 22.96
C CME D 157 -5.82 -0.26 27.78
O CME D 157 -6.66 0.59 28.08
N ASP D 158 -4.96 -0.77 28.65
CA ASP D 158 -4.95 -0.35 30.06
C ASP D 158 -4.01 0.83 30.29
N ALA D 159 -2.96 0.93 29.47
CA ALA D 159 -1.92 1.95 29.60
C ALA D 159 -2.45 3.38 29.43
N ALA D 160 -3.34 3.57 28.45
CA ALA D 160 -3.96 4.87 28.22
C ALA D 160 -5.46 4.77 28.52
N PRO D 161 -5.89 5.30 29.68
CA PRO D 161 -7.26 5.10 30.16
C PRO D 161 -8.31 5.97 29.48
N SER D 162 -9.55 5.50 29.50
CA SER D 162 -10.69 6.20 28.91
C SER D 162 -11.37 7.13 29.90
N LYS D 163 -11.94 8.22 29.39
CA LYS D 163 -12.81 9.09 30.18
C LYS D 163 -14.28 8.73 29.94
N LEU D 164 -14.54 8.07 28.81
CA LEU D 164 -15.90 7.65 28.44
C LEU D 164 -16.25 6.26 29.00
N GLY D 165 -15.29 5.63 29.68
CA GLY D 165 -15.52 4.36 30.35
C GLY D 165 -15.58 3.12 29.46
N HIS D 166 -14.85 3.17 28.34
CA HIS D 166 -14.67 1.97 27.51
C HIS D 166 -13.34 1.32 27.86
N HIS D 167 -13.22 0.02 27.57
CA HIS D 167 -11.97 -0.68 27.83
C HIS D 167 -10.86 -0.29 26.85
N LEU E 5 -13.16 25.72 -26.72
CA LEU E 5 -11.81 26.35 -26.53
C LEU E 5 -11.18 26.72 -27.86
N THR E 6 -10.26 27.68 -27.83
CA THR E 6 -9.49 28.02 -29.01
C THR E 6 -8.40 26.98 -29.19
N GLU E 7 -8.01 26.72 -30.44
CA GLU E 7 -7.06 25.65 -30.73
C GLU E 7 -5.69 25.88 -30.10
N THR E 8 -5.43 27.10 -29.64
CA THR E 8 -4.28 27.41 -28.78
C THR E 8 -4.77 28.20 -27.56
N MET E 9 -4.35 27.78 -26.37
N MET E 9 -4.39 27.76 -26.37
CA MET E 9 -4.84 28.35 -25.12
CA MET E 9 -4.85 28.36 -25.11
C MET E 9 -3.70 28.56 -24.11
C MET E 9 -3.70 28.58 -24.13
N PRO E 10 -3.61 29.78 -23.54
CA PRO E 10 -2.62 30.05 -22.50
C PRO E 10 -3.11 29.68 -21.09
N PHE E 11 -2.16 29.42 -20.19
CA PHE E 11 -2.50 29.19 -18.79
C PHE E 11 -1.48 29.79 -17.82
N ARG E 12 -1.94 30.07 -16.61
N ARG E 12 -1.92 30.04 -16.60
CA ARG E 12 -1.09 30.58 -15.54
CA ARG E 12 -1.00 30.46 -15.54
C ARG E 12 -1.30 29.79 -14.26
C ARG E 12 -1.21 29.65 -14.27
N MET E 13 -0.24 29.65 -13.47
N MET E 13 -0.15 29.55 -13.48
CA MET E 13 -0.26 28.75 -12.32
CA MET E 13 -0.15 28.68 -12.30
C MET E 13 0.45 29.35 -11.10
C MET E 13 0.46 29.38 -11.09
N THR E 14 -0.14 29.13 -9.92
CA THR E 14 0.51 29.44 -8.64
C THR E 14 0.47 28.16 -7.81
N MET E 15 1.53 27.92 -7.07
CA MET E 15 1.73 26.68 -6.32
C MET E 15 2.33 27.03 -4.98
N GLU E 16 1.80 26.46 -3.91
CA GLU E 16 2.44 26.55 -2.60
C GLU E 16 2.50 25.16 -2.00
N GLY E 17 3.59 24.88 -1.29
CA GLY E 17 3.79 23.55 -0.75
C GLY E 17 4.83 23.44 0.33
N THR E 18 4.86 22.25 0.94
CA THR E 18 5.86 21.87 1.91
C THR E 18 6.22 20.44 1.56
N VAL E 19 7.51 20.17 1.38
CA VAL E 19 8.01 18.81 1.14
C VAL E 19 9.13 18.50 2.13
N ASN E 20 8.93 17.48 2.96
CA ASN E 20 9.91 17.10 3.98
C ASN E 20 10.34 18.30 4.86
N GLY E 21 9.40 19.18 5.16
CA GLY E 21 9.67 20.34 6.01
C GLY E 21 10.09 21.60 5.26
N HIS E 22 10.41 21.46 3.98
CA HIS E 22 10.86 22.59 3.16
C HIS E 22 9.66 23.27 2.52
N HIS E 23 9.44 24.53 2.88
CA HIS E 23 8.36 25.34 2.30
C HIS E 23 8.82 26.01 1.01
N PHE E 24 7.93 26.09 0.03
CA PHE E 24 8.25 26.71 -1.24
C PHE E 24 7.00 27.24 -1.92
N LYS E 25 7.24 28.12 -2.89
CA LYS E 25 6.20 28.67 -3.75
CA LYS E 25 6.20 28.67 -3.75
CA LYS E 25 6.20 28.66 -3.75
C LYS E 25 6.72 28.76 -5.17
N CYS E 26 5.86 28.43 -6.14
CA CYS E 26 6.19 28.50 -7.55
C CYS E 26 5.12 29.24 -8.33
N THR E 27 5.54 29.89 -9.40
CA THR E 27 4.62 30.42 -10.39
C THR E 27 4.90 29.74 -11.72
N GLY E 28 3.90 29.73 -12.59
CA GLY E 28 4.03 29.12 -13.90
C GLY E 28 3.28 29.86 -14.98
N LYS E 29 3.78 29.75 -16.21
CA LYS E 29 3.12 30.36 -17.34
C LYS E 29 3.35 29.44 -18.53
N GLY E 30 2.26 29.13 -19.24
CA GLY E 30 2.35 28.23 -20.37
C GLY E 30 1.29 28.43 -21.43
N GLU E 31 1.39 27.63 -22.49
CA GLU E 31 0.35 27.56 -23.49
C GLU E 31 0.36 26.19 -24.15
N GLY E 32 -0.75 25.82 -24.76
CA GLY E 32 -0.80 24.57 -25.48
C GLY E 32 -1.97 24.48 -26.44
N ASN E 33 -2.02 23.34 -27.13
CA ASN E 33 -3.08 23.04 -28.06
CA ASN E 33 -3.10 23.03 -28.05
C ASN E 33 -4.09 22.08 -27.40
N PRO E 34 -5.22 22.62 -26.90
CA PRO E 34 -6.12 21.80 -26.06
C PRO E 34 -6.68 20.57 -26.75
N PHE E 35 -7.04 20.68 -28.03
CA PHE E 35 -7.63 19.56 -28.77
C PHE E 35 -6.60 18.59 -29.32
N GLU E 36 -5.35 19.06 -29.47
CA GLU E 36 -4.24 18.23 -29.93
CA GLU E 36 -4.27 18.19 -29.92
C GLU E 36 -3.46 17.62 -28.75
N GLY E 37 -3.76 18.10 -27.55
CA GLY E 37 -3.18 17.56 -26.31
C GLY E 37 -1.69 17.78 -26.10
N THR E 38 -1.19 18.93 -26.52
CA THR E 38 0.21 19.29 -26.29
C THR E 38 0.28 20.61 -25.53
N GLN E 39 1.32 20.76 -24.71
CA GLN E 39 1.51 21.99 -23.92
C GLN E 39 2.94 22.18 -23.47
N ASP E 40 3.32 23.44 -23.24
CA ASP E 40 4.64 23.81 -22.76
C ASP E 40 4.47 24.88 -21.71
N MET E 41 5.34 24.88 -20.70
CA MET E 41 5.31 25.93 -19.69
C MET E 41 6.66 26.23 -19.07
N LYS E 42 6.77 27.43 -18.50
CA LYS E 42 7.89 27.79 -17.66
C LYS E 42 7.42 27.77 -16.22
N ILE E 43 8.29 27.31 -15.32
CA ILE E 43 8.01 27.33 -13.89
C ILE E 43 9.16 28.01 -13.18
N GLU E 44 8.82 28.95 -12.30
CA GLU E 44 9.81 29.65 -11.49
C GLU E 44 9.55 29.41 -10.01
N VAL E 45 10.60 29.01 -9.29
CA VAL E 45 10.55 28.90 -7.85
C VAL E 45 10.74 30.30 -7.28
N ILE E 46 9.68 30.88 -6.71
CA ILE E 46 9.71 32.27 -6.22
C ILE E 46 9.97 32.37 -4.71
N GLU E 47 9.79 31.27 -3.99
CA GLU E 47 10.10 31.19 -2.57
C GLU E 47 10.63 29.79 -2.25
N GLY E 48 11.61 29.73 -1.36
CA GLY E 48 12.19 28.45 -0.91
C GLY E 48 13.19 27.85 -1.88
N GLY E 49 13.68 28.66 -2.81
CA GLY E 49 14.68 28.22 -3.78
C GLY E 49 16.09 28.50 -3.31
N PRO E 50 17.10 27.82 -3.89
CA PRO E 50 16.92 26.76 -4.90
C PRO E 50 16.26 25.54 -4.28
N LEU E 51 15.40 24.86 -5.04
CA LEU E 51 14.66 23.71 -4.52
C LEU E 51 15.59 22.64 -3.96
N PRO E 52 15.41 22.27 -2.68
CA PRO E 52 16.20 21.24 -2.01
C PRO E 52 15.75 19.81 -2.31
N PHE E 53 15.07 19.61 -3.43
CA PHE E 53 14.63 18.29 -3.85
C PHE E 53 14.36 18.27 -5.35
N ALA E 54 14.29 17.07 -5.92
CA ALA E 54 14.04 16.90 -7.35
C ALA E 54 12.71 17.51 -7.77
N PHE E 55 12.78 18.43 -8.73
CA PHE E 55 11.57 19.07 -9.25
C PHE E 55 10.57 18.06 -9.81
N ASP E 56 11.09 16.93 -10.28
CA ASP E 56 10.29 15.87 -10.90
C ASP E 56 9.04 15.48 -10.08
N ILE E 57 9.15 15.53 -8.75
CA ILE E 57 7.99 15.20 -7.89
C ILE E 57 6.83 16.20 -8.00
N LEU E 58 7.11 17.38 -8.58
CA LEU E 58 6.10 18.42 -8.78
C LEU E 58 5.52 18.43 -10.20
N SER E 59 6.12 17.66 -11.10
CA SER E 59 5.75 17.69 -12.51
C SER E 59 4.28 17.43 -12.78
N THR E 60 3.73 16.42 -12.11
CA THR E 60 2.32 16.08 -12.33
C THR E 60 1.39 17.10 -11.70
N SER E 61 1.93 18.16 -11.11
CA SER E 61 1.09 19.12 -10.41
C SER E 61 1.03 20.48 -11.10
N CYS E 62 1.87 20.66 -12.11
CA CYS E 62 2.21 21.98 -12.61
C CYS E 62 1.17 22.49 -13.61
N1 NRQ F 1 0.19 19.62 -15.00
N1 NRQ F 1 0.41 19.65 -14.74
CE NRQ F 1 3.04 21.40 -18.75
CE NRQ F 1 3.06 21.51 -18.80
SD NRQ F 1 3.04 19.70 -18.29
SD NRQ F 1 2.98 19.80 -18.39
CG1 NRQ F 1 1.79 19.67 -17.04
CG1 NRQ F 1 1.73 19.77 -17.17
CB1 NRQ F 1 1.83 18.41 -16.15
CB1 NRQ F 1 1.82 18.53 -16.27
CA1 NRQ F 1 0.55 18.43 -15.34
CA1 NRQ F 1 0.65 18.52 -15.33
C1 NRQ F 1 -0.23 17.25 -14.99
C1 NRQ F 1 -0.10 17.33 -15.13
N2 NRQ F 1 0.04 15.91 -15.29
N2 NRQ F 1 0.26 16.09 -15.55
OH NRQ F 1 0.92 8.87 -16.14
OH NRQ F 1 -1.90 8.93 -13.80
CD2 NRQ F 1 0.56 12.41 -15.90
CD2 NRQ F 1 -1.95 12.41 -14.33
CE2 NRQ F 1 1.09 11.17 -16.22
CE2 NRQ F 1 -2.31 11.15 -13.88
CZ NRQ F 1 0.44 9.98 -15.84
CZ NRQ F 1 -1.54 10.05 -14.22
CE1 NRQ F 1 -0.75 10.04 -15.10
CE1 NRQ F 1 -0.41 10.19 -15.01
CD1 NRQ F 1 -1.28 11.29 -14.76
CD1 NRQ F 1 -0.06 11.44 -15.46
CG2 NRQ F 1 -0.64 12.47 -15.18
CG2 NRQ F 1 -0.83 12.55 -15.10
CB2 NRQ F 1 -1.23 13.78 -14.75
CB2 NRQ F 1 -0.44 13.90 -15.58
CA2 NRQ F 1 -0.96 15.19 -14.75
CA2 NRQ F 1 -0.69 15.24 -15.18
C2 NRQ F 1 -1.82 16.14 -14.13
C2 NRQ F 1 -1.66 16.04 -14.50
O2 NRQ F 1 -2.89 15.80 -13.51
O2 NRQ F 1 -2.74 15.64 -13.97
N3 NRQ F 1 -1.40 17.36 -14.27
N3 NRQ F 1 -1.28 17.29 -14.47
CA3 NRQ F 1 -2.02 18.61 -13.74
CA3 NRQ F 1 -1.92 18.47 -13.92
C3 NRQ F 1 -3.18 19.36 -14.32
C3 NRQ F 1 -2.60 19.40 -14.90
O3 NRQ F 1 -3.45 20.50 -13.94
O3 NRQ F 1 -3.25 20.27 -14.35
N SER F 2 -2.34 19.41 -16.19
CA SER F 2 -3.03 20.35 -17.04
C SER F 2 -3.91 19.49 -17.93
N LYS F 3 -5.10 19.19 -17.43
CA LYS F 3 -5.90 18.08 -17.93
C LYS F 3 -6.76 18.61 -19.08
N THR F 4 -6.81 19.92 -19.22
CA THR F 4 -7.52 20.54 -20.33
C THR F 4 -6.86 20.20 -21.67
N PHE F 5 -5.57 19.91 -21.63
CA PHE F 5 -4.79 19.66 -22.83
C PHE F 5 -4.62 18.15 -23.06
N ILE F 6 -5.68 17.55 -23.62
CA ILE F 6 -5.69 16.13 -23.96
C ILE F 6 -6.40 15.96 -25.31
N LYS F 7 -5.82 15.13 -26.18
CA LYS F 7 -6.47 14.77 -27.43
C LYS F 7 -7.33 13.53 -27.23
N TYR F 8 -8.64 13.68 -27.42
CA TYR F 8 -9.59 12.57 -27.28
C TYR F 8 -9.89 11.92 -28.62
N VAL F 9 -9.73 10.59 -28.69
CA VAL F 9 -10.10 9.81 -29.89
C VAL F 9 -11.23 8.82 -29.61
N SER F 10 -11.80 8.26 -30.67
CA SER F 10 -12.86 7.22 -30.58
C SER F 10 -14.17 7.67 -29.94
N GLY F 11 -14.50 8.96 -30.01
CA GLY F 11 -15.74 9.49 -29.46
C GLY F 11 -15.86 9.34 -27.94
N ILE F 12 -14.72 9.39 -27.25
CA ILE F 12 -14.69 9.43 -25.79
C ILE F 12 -14.99 10.87 -25.35
N PRO F 13 -16.01 11.05 -24.47
CA PRO F 13 -16.34 12.38 -23.99
C PRO F 13 -15.25 12.96 -23.09
N ASP F 14 -15.13 14.28 -23.12
CA ASP F 14 -14.03 15.02 -22.50
C ASP F 14 -14.55 15.67 -21.23
N TYR F 15 -14.34 14.97 -20.11
CA TYR F 15 -14.82 15.41 -18.80
C TYR F 15 -14.32 16.80 -18.42
N PHE F 16 -13.10 17.11 -18.83
CA PHE F 16 -12.43 18.33 -18.42
C PHE F 16 -12.92 19.55 -19.23
N LYS F 17 -12.91 19.42 -20.55
CA LYS F 17 -13.40 20.50 -21.40
C LYS F 17 -14.88 20.76 -21.20
N GLN F 18 -15.65 19.69 -20.97
CA GLN F 18 -17.08 19.83 -20.64
C GLN F 18 -17.33 20.71 -19.41
N SER F 19 -16.38 20.74 -18.49
CA SER F 19 -16.55 21.42 -17.20
C SER F 19 -16.54 22.96 -17.28
N PHE F 20 -16.11 23.51 -18.41
CA PHE F 20 -16.12 24.95 -18.58
C PHE F 20 -17.55 25.44 -18.90
N PRO F 21 -17.92 26.63 -18.42
CA PRO F 21 -17.10 27.67 -17.78
C PRO F 21 -16.83 27.47 -16.28
N GLU F 22 -17.52 26.54 -15.63
CA GLU F 22 -17.34 26.33 -14.17
C GLU F 22 -15.95 25.86 -13.78
N GLY F 23 -15.31 25.08 -14.65
CA GLY F 23 -13.98 24.52 -14.38
C GLY F 23 -14.05 23.23 -13.58
N PHE F 24 -12.90 22.79 -13.08
CA PHE F 24 -12.84 21.54 -12.30
C PHE F 24 -11.73 21.60 -11.26
N THR F 25 -11.71 20.62 -10.37
CA THR F 25 -10.60 20.45 -9.45
C THR F 25 -10.04 19.05 -9.61
N TRP F 26 -8.83 18.84 -9.10
CA TRP F 26 -8.34 17.47 -8.94
C TRP F 26 -7.58 17.31 -7.64
N GLU F 27 -7.50 16.06 -7.19
CA GLU F 27 -6.89 15.78 -5.90
C GLU F 27 -6.18 14.45 -6.06
N ARG F 28 -5.00 14.35 -5.46
CA ARG F 28 -4.14 13.21 -5.73
C ARG F 28 -3.22 12.93 -4.56
N THR F 29 -3.00 11.65 -4.29
CA THR F 29 -1.85 11.22 -3.50
C THR F 29 -1.04 10.27 -4.37
N THR F 30 0.25 10.60 -4.50
CA THR F 30 1.21 9.76 -5.18
C THR F 30 2.05 9.05 -4.12
N THR F 31 2.06 7.72 -4.17
CA THR F 31 2.79 6.93 -3.18
C THR F 31 4.03 6.38 -3.87
N TYR F 32 5.20 6.68 -3.31
CA TYR F 32 6.47 6.27 -3.89
C TYR F 32 6.94 4.96 -3.27
N GLU F 33 7.59 4.10 -4.06
CA GLU F 33 7.96 2.77 -3.59
C GLU F 33 8.99 2.77 -2.44
N ASP F 34 9.72 3.87 -2.29
CA ASP F 34 10.70 4.01 -1.19
C ASP F 34 10.14 4.76 0.03
N GLY F 35 8.82 4.98 0.05
CA GLY F 35 8.13 5.48 1.24
C GLY F 35 7.70 6.93 1.23
N GLY F 36 8.09 7.67 0.21
CA GLY F 36 7.63 9.07 0.04
C GLY F 36 6.16 9.16 -0.35
N PHE F 37 5.53 10.29 -0.01
CA PHE F 37 4.15 10.55 -0.41
C PHE F 37 4.11 12.00 -0.91
N LEU F 38 3.44 12.22 -2.03
CA LEU F 38 3.21 13.58 -2.53
C LEU F 38 1.72 13.76 -2.75
N THR F 39 1.11 14.66 -1.98
CA THR F 39 -0.32 14.93 -2.05
C THR F 39 -0.54 16.33 -2.60
N ALA F 40 -1.51 16.44 -3.51
CA ALA F 40 -1.84 17.73 -4.12
C ALA F 40 -3.35 17.94 -4.27
N HIS F 41 -3.78 19.20 -4.14
CA HIS F 41 -5.11 19.61 -4.56
C HIS F 41 -4.92 20.74 -5.55
N GLN F 42 -5.71 20.72 -6.63
CA GLN F 42 -5.58 21.73 -7.67
C GLN F 42 -6.95 22.27 -8.06
N ASP F 43 -6.99 23.57 -8.32
CA ASP F 43 -8.19 24.22 -8.82
C ASP F 43 -7.92 24.75 -10.24
N THR F 44 -8.80 24.42 -11.17
CA THR F 44 -8.70 24.90 -12.54
C THR F 44 -9.91 25.78 -12.88
N SER F 45 -9.62 27.03 -13.26
CA SER F 45 -10.66 27.97 -13.65
CA SER F 45 -10.65 27.99 -13.63
C SER F 45 -10.36 28.62 -14.99
N LEU F 46 -11.39 29.20 -15.59
CA LEU F 46 -11.23 29.94 -16.84
C LEU F 46 -11.49 31.41 -16.53
N ASP F 47 -10.53 32.26 -16.87
CA ASP F 47 -10.63 33.69 -16.64
C ASP F 47 -10.48 34.40 -17.98
N GLY F 48 -11.60 34.62 -18.65
CA GLY F 48 -11.58 35.21 -20.00
C GLY F 48 -11.08 34.20 -21.00
N ASP F 49 -9.86 34.42 -21.50
CA ASP F 49 -9.25 33.47 -22.42
C ASP F 49 -7.99 32.84 -21.84
N CME F 50 -7.93 32.81 -20.52
CA CME F 50 -6.79 32.32 -19.79
CB CME F 50 -6.22 33.52 -19.06
SG CME F 50 -4.94 33.06 -17.94
SD CME F 50 -3.37 32.70 -19.12
CE CME F 50 -3.08 34.22 -19.97
CZ CME F 50 -2.71 35.32 -18.98
OH CME F 50 -1.51 34.96 -18.29
C CME F 50 -7.22 31.28 -18.80
O CME F 50 -8.17 31.50 -18.05
N LEU F 51 -6.54 30.14 -18.79
CA LEU F 51 -6.77 29.12 -17.75
C LEU F 51 -5.92 29.43 -16.52
N VAL F 52 -6.52 29.30 -15.35
CA VAL F 52 -5.84 29.61 -14.09
C VAL F 52 -5.74 28.36 -13.22
N TYR F 53 -4.52 28.00 -12.84
CA TYR F 53 -4.28 26.86 -11.94
C TYR F 53 -3.83 27.34 -10.56
N LYS F 54 -4.46 26.79 -9.52
CA LYS F 54 -4.00 27.03 -8.15
C LYS F 54 -3.72 25.67 -7.52
N VAL F 55 -2.50 25.48 -7.03
CA VAL F 55 -2.05 24.16 -6.55
C VAL F 55 -1.53 24.24 -5.10
N LYS F 56 -1.96 23.26 -4.29
CA LYS F 56 -1.46 23.10 -2.92
C LYS F 56 -0.79 21.74 -2.83
N ILE F 57 0.41 21.71 -2.24
CA ILE F 57 1.25 20.50 -2.20
CA ILE F 57 1.21 20.47 -2.19
C ILE F 57 1.69 20.16 -0.79
N LEU F 58 1.60 18.89 -0.41
CA LEU F 58 2.19 18.41 0.83
C LEU F 58 2.91 17.10 0.52
N GLY F 59 4.24 17.13 0.59
CA GLY F 59 5.07 15.94 0.39
C GLY F 59 5.79 15.55 1.68
N ASN F 60 5.92 14.26 1.91
CA ASN F 60 6.50 13.79 3.18
C ASN F 60 7.16 12.43 3.08
N ASN F 61 7.96 12.09 4.09
CA ASN F 61 8.59 10.77 4.22
C ASN F 61 9.55 10.37 3.09
N PHE F 62 10.00 11.33 2.29
CA PHE F 62 10.99 11.01 1.24
C PHE F 62 12.32 10.66 1.91
N PRO F 63 12.92 9.51 1.54
CA PRO F 63 14.18 9.14 2.19
C PRO F 63 15.28 10.16 1.92
N ALA F 64 16.02 10.52 2.96
CA ALA F 64 17.08 11.52 2.85
C ALA F 64 18.14 11.10 1.83
N ASP F 65 18.33 9.79 1.70
CA ASP F 65 19.32 9.20 0.81
C ASP F 65 18.79 8.89 -0.59
N GLY F 66 17.48 9.07 -0.80
CA GLY F 66 16.83 8.74 -2.07
C GLY F 66 17.07 9.75 -3.19
N PRO F 67 16.72 9.38 -4.44
CA PRO F 67 16.95 10.25 -5.59
C PRO F 67 16.21 11.57 -5.53
N VAL F 68 15.06 11.60 -4.84
CA VAL F 68 14.28 12.82 -4.70
C VAL F 68 15.01 13.84 -3.83
N MET F 69 15.37 13.45 -2.61
CA MET F 69 15.98 14.39 -1.68
C MET F 69 17.44 14.69 -2.02
N GLN F 70 18.08 13.75 -2.72
CA GLN F 70 19.45 13.96 -3.21
C GLN F 70 19.47 14.72 -4.53
N ASN F 71 18.29 14.96 -5.10
CA ASN F 71 18.14 15.71 -6.34
C ASN F 71 18.91 15.05 -7.49
N LYS F 72 18.81 13.73 -7.59
CA LYS F 72 19.50 12.96 -8.62
C LYS F 72 18.52 12.22 -9.54
N ALA F 73 17.34 12.78 -9.71
CA ALA F 73 16.32 12.21 -10.60
C ALA F 73 16.55 12.66 -12.04
N GLY F 74 16.25 11.78 -12.99
CA GLY F 74 16.47 12.08 -14.40
C GLY F 74 15.21 12.18 -15.23
N GLY F 75 14.09 12.50 -14.59
CA GLY F 75 12.82 12.67 -15.30
C GLY F 75 11.96 11.41 -15.29
N TRP F 76 10.74 11.54 -15.83
CA TRP F 76 9.78 10.44 -15.85
C TRP F 76 9.78 9.70 -17.18
N GLU F 77 9.60 8.39 -17.10
CA GLU F 77 9.20 7.62 -18.28
C GLU F 77 7.80 8.05 -18.69
N PRO F 78 7.43 7.85 -19.98
CA PRO F 78 6.04 8.02 -20.37
C PRO F 78 5.14 7.12 -19.53
N GLY F 79 3.88 7.49 -19.40
CA GLY F 79 2.97 6.74 -18.56
C GLY F 79 1.58 6.53 -19.13
N CYS F 80 0.86 5.61 -18.50
CA CYS F 80 -0.51 5.27 -18.87
CA CYS F 80 -0.52 5.30 -18.87
C CYS F 80 -1.42 5.43 -17.65
N GLU F 81 -2.48 6.22 -17.79
CA GLU F 81 -3.48 6.36 -16.73
C GLU F 81 -4.75 5.63 -17.15
N ILE F 82 -5.38 4.96 -16.19
CA ILE F 82 -6.73 4.43 -16.40
C ILE F 82 -7.73 5.36 -15.72
N LEU F 83 -8.83 5.64 -16.42
CA LEU F 83 -9.85 6.54 -15.90
C LEU F 83 -11.24 5.94 -16.02
N TYR F 84 -12.04 6.14 -14.98
CA TYR F 84 -13.40 5.62 -14.93
C TYR F 84 -14.24 6.31 -13.87
N GLU F 85 -15.55 6.29 -14.05
CA GLU F 85 -16.47 6.91 -13.10
C GLU F 85 -16.55 6.14 -11.79
N VAL F 86 -16.53 6.90 -10.70
CA VAL F 86 -16.85 6.39 -9.38
C VAL F 86 -17.73 7.43 -8.72
N ASP F 87 -18.97 7.04 -8.40
CA ASP F 87 -19.94 7.89 -7.70
C ASP F 87 -20.09 9.31 -8.25
N GLY F 88 -20.25 9.41 -9.56
CA GLY F 88 -20.56 10.68 -10.20
C GLY F 88 -19.38 11.59 -10.49
N VAL F 89 -18.18 11.15 -10.14
CA VAL F 89 -16.95 11.88 -10.50
C VAL F 89 -16.01 10.95 -11.26
N LEU F 90 -14.90 11.49 -11.76
CA LEU F 90 -13.97 10.70 -12.56
C LEU F 90 -12.73 10.37 -11.74
N CYS F 91 -12.43 9.07 -11.65
CA CYS F 91 -11.24 8.64 -10.94
CA CYS F 91 -11.26 8.58 -10.93
C CYS F 91 -10.15 8.24 -11.91
N GLY F 92 -8.90 8.46 -11.50
CA GLY F 92 -7.73 8.13 -12.29
C GLY F 92 -6.70 7.36 -11.48
N GLN F 93 -6.10 6.36 -12.10
CA GLN F 93 -5.08 5.53 -11.44
C GLN F 93 -3.95 5.33 -12.42
N SER F 94 -2.72 5.47 -11.93
N SER F 94 -2.72 5.48 -11.95
CA SER F 94 -1.54 5.37 -12.78
CA SER F 94 -1.56 5.31 -12.82
C SER F 94 -0.33 4.88 -12.01
C SER F 94 -0.32 4.92 -12.04
N LEU F 95 0.57 4.20 -12.71
CA LEU F 95 1.89 3.91 -12.18
C LEU F 95 2.86 4.75 -13.01
N MET F 96 3.82 5.37 -12.34
CA MET F 96 4.86 6.12 -13.05
C MET F 96 6.23 5.63 -12.62
N ALA F 97 7.24 5.89 -13.45
CA ALA F 97 8.59 5.44 -13.14
C ALA F 97 9.59 6.57 -13.32
N LEU F 98 10.29 6.87 -12.23
CA LEU F 98 11.27 7.95 -12.20
C LEU F 98 12.63 7.39 -12.57
N LYS F 99 13.30 8.05 -13.51
CA LYS F 99 14.63 7.63 -13.93
C LYS F 99 15.65 8.00 -12.85
N CYS F 100 16.48 7.02 -12.47
CA CYS F 100 17.47 7.18 -11.40
C CYS F 100 18.87 6.91 -11.94
N PRO F 101 19.92 7.32 -11.19
CA PRO F 101 21.30 7.03 -11.59
C PRO F 101 21.55 5.55 -11.87
N GLY F 102 22.31 5.27 -12.93
CA GLY F 102 22.70 3.92 -13.30
C GLY F 102 21.64 3.11 -14.00
N GLY F 103 20.79 3.79 -14.79
CA GLY F 103 19.70 3.15 -15.54
C GLY F 103 18.64 2.47 -14.68
N ARG F 104 18.51 2.90 -13.43
CA ARG F 104 17.52 2.35 -12.52
C ARG F 104 16.22 3.15 -12.56
N HIS F 105 15.17 2.59 -11.95
CA HIS F 105 13.89 3.26 -11.89
C HIS F 105 13.30 3.19 -10.48
N LEU F 106 12.58 4.25 -10.11
CA LEU F 106 11.81 4.29 -8.88
C LEU F 106 10.34 4.46 -9.25
N ASN F 107 9.51 3.49 -8.88
CA ASN F 107 8.11 3.57 -9.27
C ASN F 107 7.22 4.22 -8.20
N CYS F 108 6.05 4.65 -8.63
CA CYS F 108 5.07 5.27 -7.76
C CYS F 108 3.67 5.06 -8.31
N ARG F 109 2.67 5.21 -7.45
CA ARG F 109 1.28 5.08 -7.85
C ARG F 109 0.51 6.37 -7.57
N LEU F 110 -0.21 6.84 -8.58
CA LEU F 110 -1.05 8.03 -8.48
C LEU F 110 -2.52 7.64 -8.27
N HIS F 111 -3.10 8.11 -7.17
CA HIS F 111 -4.51 7.92 -6.85
C HIS F 111 -5.20 9.26 -7.02
N THR F 112 -5.98 9.41 -8.09
CA THR F 112 -6.59 10.72 -8.42
C THR F 112 -8.11 10.69 -8.46
N THR F 113 -8.72 11.79 -8.00
CA THR F 113 -10.13 12.06 -8.27
C THR F 113 -10.22 13.43 -8.94
N TYR F 114 -10.87 13.46 -10.11
CA TYR F 114 -11.12 14.69 -10.86
C TYR F 114 -12.58 15.07 -10.61
N ARG F 115 -12.81 16.32 -10.21
CA ARG F 115 -14.16 16.76 -9.82
C ARG F 115 -14.59 17.96 -10.64
N SER F 116 -15.52 17.74 -11.57
CA SER F 116 -16.11 18.87 -12.27
C SER F 116 -16.86 19.80 -11.32
N LYS F 117 -16.81 21.10 -11.59
CA LYS F 117 -17.62 22.07 -10.86
C LYS F 117 -19.01 22.23 -11.48
N LYS F 118 -19.23 21.57 -12.61
CA LYS F 118 -20.54 21.48 -13.23
C LYS F 118 -21.38 20.41 -12.55
N PRO F 119 -22.70 20.65 -12.44
CA PRO F 119 -23.59 19.58 -11.98
C PRO F 119 -23.55 18.38 -12.91
N ALA F 120 -23.71 17.19 -12.35
CA ALA F 120 -23.68 15.94 -13.09
C ALA F 120 -24.71 15.89 -14.23
N SER F 121 -25.79 16.65 -14.09
CA SER F 121 -26.86 16.72 -15.09
C SER F 121 -26.39 17.30 -16.43
N ALA F 122 -25.31 18.07 -16.38
CA ALA F 122 -24.79 18.76 -17.55
C ALA F 122 -23.59 18.06 -18.17
N LEU F 123 -23.26 16.87 -17.68
CA LEU F 123 -22.03 16.18 -18.07
C LEU F 123 -22.25 14.80 -18.68
N LYS F 124 -21.47 14.49 -19.72
CA LYS F 124 -21.38 13.13 -20.24
C LYS F 124 -20.13 12.44 -19.66
N MET F 125 -20.37 11.49 -18.76
N MET F 125 -20.37 11.48 -18.77
CA MET F 125 -19.28 10.72 -18.15
CA MET F 125 -19.29 10.71 -18.17
C MET F 125 -18.71 9.72 -19.16
C MET F 125 -18.71 9.71 -19.17
N PRO F 126 -17.37 9.68 -19.30
CA PRO F 126 -16.75 8.72 -20.20
C PRO F 126 -16.79 7.30 -19.65
N GLU F 127 -16.76 6.33 -20.56
CA GLU F 127 -16.55 4.93 -20.20
C GLU F 127 -15.09 4.74 -19.78
N PHE F 128 -14.79 3.58 -19.20
CA PHE F 128 -13.43 3.21 -18.87
C PHE F 128 -12.53 3.46 -20.06
N HIS F 129 -11.45 4.22 -19.85
CA HIS F 129 -10.50 4.48 -20.92
C HIS F 129 -9.11 4.78 -20.38
N PHE F 130 -8.19 5.07 -21.31
CA PHE F 130 -6.79 5.28 -20.98
C PHE F 130 -6.34 6.66 -21.42
N GLU F 131 -5.42 7.24 -20.66
CA GLU F 131 -4.70 8.44 -21.08
C GLU F 131 -3.21 8.15 -21.11
N ASP F 132 -2.62 8.26 -22.29
CA ASP F 132 -1.17 8.20 -22.44
C ASP F 132 -0.57 9.58 -22.18
N HIS F 133 0.49 9.63 -21.37
CA HIS F 133 1.15 10.90 -21.04
C HIS F 133 2.65 10.81 -21.26
N ARG F 134 3.24 11.89 -21.74
CA ARG F 134 4.69 12.03 -21.74
C ARG F 134 5.06 13.40 -21.18
N ILE F 135 5.84 13.42 -20.10
CA ILE F 135 6.30 14.66 -19.48
C ILE F 135 7.81 14.78 -19.62
N GLU F 136 8.27 15.93 -20.12
CA GLU F 136 9.70 16.18 -20.23
C GLU F 136 10.03 17.52 -19.59
N VAL F 137 11.09 17.53 -18.78
CA VAL F 137 11.50 18.73 -18.04
C VAL F 137 12.92 19.15 -18.42
N LYS F 138 13.12 20.46 -18.53
CA LYS F 138 14.43 21.04 -18.70
C LYS F 138 14.69 21.97 -17.51
N GLU F 139 15.81 21.77 -16.82
CA GLU F 139 16.22 22.65 -15.74
C GLU F 139 17.08 23.76 -16.35
N VAL F 140 16.56 24.98 -16.34
CA VAL F 140 17.21 26.13 -16.98
C VAL F 140 18.15 26.82 -16.00
N GLN F 141 17.68 27.02 -14.76
CA GLN F 141 18.54 27.48 -13.67
C GLN F 141 18.33 26.60 -12.45
N LYS F 142 19.46 26.13 -11.90
CA LYS F 142 19.44 25.16 -10.81
CA LYS F 142 19.48 25.19 -10.77
C LYS F 142 18.49 25.55 -9.67
N GLY F 143 17.48 24.69 -9.47
CA GLY F 143 16.49 24.85 -8.40
C GLY F 143 15.59 26.08 -8.45
N LYS F 144 15.61 26.78 -9.59
CA LYS F 144 14.92 28.06 -9.71
C LYS F 144 14.04 28.17 -10.96
N HIS F 145 14.57 27.74 -12.10
CA HIS F 145 13.88 27.91 -13.38
C HIS F 145 13.80 26.61 -14.17
N TYR F 146 12.59 26.22 -14.53
CA TYR F 146 12.34 24.97 -15.25
C TYR F 146 11.41 25.20 -16.43
N GLU F 147 11.49 24.29 -17.41
CA GLU F 147 10.54 24.25 -18.50
C GLU F 147 9.97 22.85 -18.57
N GLN F 148 8.67 22.75 -18.83
CA GLN F 148 8.02 21.45 -18.89
C GLN F 148 7.15 21.32 -20.13
N TYR F 149 7.25 20.16 -20.78
CA TYR F 149 6.43 19.85 -21.94
C TYR F 149 5.63 18.58 -21.65
N GLU F 150 4.36 18.57 -22.06
CA GLU F 150 3.56 17.36 -21.98
C GLU F 150 2.70 17.12 -23.22
N ALA F 151 2.58 15.85 -23.59
CA ALA F 151 1.67 15.39 -24.63
C ALA F 151 0.78 14.33 -24.01
N ALA F 152 -0.51 14.42 -24.30
CA ALA F 152 -1.50 13.51 -23.72
C ALA F 152 -2.60 13.14 -24.71
N VAL F 153 -2.96 11.86 -24.73
CA VAL F 153 -3.99 11.32 -25.62
CA VAL F 153 -4.02 11.35 -25.60
C VAL F 153 -4.90 10.36 -24.86
N ALA F 154 -6.22 10.52 -25.01
CA ALA F 154 -7.19 9.63 -24.38
C ALA F 154 -7.77 8.68 -25.42
N ARG F 155 -7.76 7.39 -25.11
CA ARG F 155 -8.07 6.35 -26.09
C ARG F 155 -8.65 5.10 -25.42
N TYR F 156 -9.16 4.19 -26.24
CA TYR F 156 -9.44 2.82 -25.82
C TYR F 156 -8.25 1.95 -26.18
N CME F 157 -8.34 0.65 -25.85
CA CME F 157 -7.27 -0.29 -26.17
CB CME F 157 -7.27 -1.43 -25.17
SG CME F 157 -5.89 -2.49 -25.48
SD CME F 157 -4.31 -1.36 -25.01
CE CME F 157 -4.14 -1.55 -23.26
CZ CME F 157 -3.97 -0.18 -22.61
OH CME F 157 -2.78 0.45 -23.10
C CME F 157 -7.39 -0.82 -27.59
O CME F 157 -7.92 -1.90 -27.81
N ASP F 158 -6.92 -0.04 -28.56
CA ASP F 158 -6.92 -0.47 -29.95
C ASP F 158 -5.80 -1.46 -30.26
N ALA F 159 -4.72 -1.40 -29.49
CA ALA F 159 -3.52 -2.22 -29.73
C ALA F 159 -3.74 -3.71 -29.54
N ALA F 160 -4.56 -4.07 -28.54
CA ALA F 160 -4.93 -5.46 -28.30
C ALA F 160 -6.44 -5.61 -28.46
N PRO F 161 -6.88 -6.15 -29.62
CA PRO F 161 -8.31 -6.19 -29.95
C PRO F 161 -9.11 -7.26 -29.22
N SER F 162 -10.39 -6.98 -29.01
CA SER F 162 -11.33 -7.88 -28.35
C SER F 162 -11.87 -8.93 -29.32
N LYS F 163 -12.05 -10.15 -28.82
CA LYS F 163 -12.73 -11.20 -29.58
C LYS F 163 -14.25 -11.09 -29.41
N LEU F 164 -14.68 -10.38 -28.37
CA LEU F 164 -16.09 -10.16 -28.09
C LEU F 164 -16.61 -8.84 -28.66
N GLY F 165 -15.72 -8.09 -29.31
CA GLY F 165 -16.07 -6.80 -29.90
C GLY F 165 -16.24 -5.69 -28.90
N HIS F 166 -15.63 -5.84 -27.72
CA HIS F 166 -15.63 -4.81 -26.68
C HIS F 166 -14.72 -3.64 -27.04
N HIS F 167 -14.83 -2.55 -26.27
CA HIS F 167 -13.91 -1.43 -26.39
C HIS F 167 -12.55 -1.79 -25.81
N LEU G 5 10.95 -22.24 -31.28
CA LEU G 5 9.47 -22.02 -31.26
C LEU G 5 8.90 -22.02 -32.67
N THR G 6 7.68 -22.53 -32.82
CA THR G 6 6.99 -22.57 -34.11
C THR G 6 5.87 -21.53 -34.17
N GLU G 7 5.42 -21.22 -35.40
CA GLU G 7 4.46 -20.15 -35.66
C GLU G 7 3.10 -20.32 -34.95
N THR G 8 2.75 -21.57 -34.67
CA THR G 8 1.61 -21.89 -33.79
C THR G 8 2.10 -22.82 -32.70
N MET G 9 1.92 -22.41 -31.45
CA MET G 9 2.52 -23.08 -30.31
C MET G 9 1.45 -23.50 -29.29
N PRO G 10 1.44 -24.80 -28.92
CA PRO G 10 0.54 -25.30 -27.89
C PRO G 10 1.14 -25.23 -26.49
N PHE G 11 0.28 -25.15 -25.48
CA PHE G 11 0.71 -25.18 -24.08
C PHE G 11 -0.26 -25.93 -23.19
N ARG G 12 0.27 -26.49 -22.10
CA ARG G 12 -0.55 -27.12 -21.08
C ARG G 12 -0.20 -26.58 -19.70
N MET G 13 -1.16 -26.62 -18.79
N MET G 13 -1.17 -26.62 -18.79
CA MET G 13 -1.02 -25.99 -17.48
CA MET G 13 -1.06 -26.00 -17.47
C MET G 13 -1.57 -26.87 -16.36
C MET G 13 -1.55 -26.92 -16.37
N THR G 14 -0.85 -26.91 -15.24
CA THR G 14 -1.34 -27.48 -13.99
C THR G 14 -1.30 -26.37 -12.94
N MET G 15 -2.39 -26.24 -12.18
N MET G 15 -2.38 -26.24 -12.17
CA MET G 15 -2.52 -25.18 -11.17
CA MET G 15 -2.51 -25.18 -11.17
C MET G 15 -3.06 -25.78 -9.87
C MET G 15 -3.10 -25.72 -9.87
N GLU G 16 -2.48 -25.36 -8.75
CA GLU G 16 -3.00 -25.73 -7.44
C GLU G 16 -2.91 -24.53 -6.50
N GLY G 17 -3.92 -24.37 -5.64
CA GLY G 17 -3.92 -23.26 -4.71
C GLY G 17 -5.00 -23.26 -3.65
N THR G 18 -4.96 -22.24 -2.83
CA THR G 18 -5.93 -22.00 -1.77
C THR G 18 -6.31 -20.52 -1.84
N VAL G 19 -7.62 -20.25 -1.83
CA VAL G 19 -8.14 -18.88 -1.78
C VAL G 19 -9.20 -18.77 -0.69
N ASN G 20 -8.94 -17.91 0.30
CA ASN G 20 -9.83 -17.74 1.45
C ASN G 20 -10.18 -19.07 2.14
N GLY G 21 -9.21 -19.98 2.18
CA GLY G 21 -9.38 -21.28 2.84
C GLY G 21 -9.91 -22.38 1.94
N HIS G 22 -10.24 -22.05 0.69
CA HIS G 22 -10.73 -23.02 -0.28
CA HIS G 22 -10.71 -23.04 -0.26
C HIS G 22 -9.61 -23.57 -1.15
N HIS G 23 -9.33 -24.86 -1.02
CA HIS G 23 -8.34 -25.53 -1.85
CA HIS G 23 -8.33 -25.52 -1.86
C HIS G 23 -8.94 -25.92 -3.19
N PHE G 24 -8.15 -25.80 -4.26
CA PHE G 24 -8.60 -26.16 -5.60
C PHE G 24 -7.43 -26.59 -6.47
N LYS G 25 -7.74 -27.32 -7.54
CA LYS G 25 -6.76 -27.65 -8.56
C LYS G 25 -7.37 -27.40 -9.94
N CYS G 26 -6.54 -26.92 -10.86
CA CYS G 26 -6.95 -26.66 -12.23
C CYS G 26 -5.97 -27.28 -13.22
N THR G 27 -6.49 -27.63 -14.39
CA THR G 27 -5.65 -28.01 -15.52
C THR G 27 -6.04 -27.16 -16.71
N GLY G 28 -5.11 -26.96 -17.63
CA GLY G 28 -5.36 -26.14 -18.79
C GLY G 28 -4.69 -26.65 -20.04
N LYS G 29 -5.29 -26.34 -21.18
CA LYS G 29 -4.68 -26.62 -22.47
C LYS G 29 -4.98 -25.47 -23.41
N GLY G 30 -3.98 -25.09 -24.19
CA GLY G 30 -4.16 -24.00 -25.13
C GLY G 30 -3.18 -23.95 -26.28
N GLU G 31 -3.30 -22.88 -27.06
CA GLU G 31 -2.48 -22.64 -28.23
C GLU G 31 -2.44 -21.15 -28.49
N GLY G 32 -1.41 -20.69 -29.21
CA GLY G 32 -1.35 -19.31 -29.64
C GLY G 32 -0.29 -19.05 -30.68
N ASN G 33 -0.28 -17.82 -31.19
CA ASN G 33 0.75 -17.37 -32.11
C ASN G 33 1.75 -16.53 -31.33
N PRO G 34 2.95 -17.09 -31.06
CA PRO G 34 3.96 -16.43 -30.23
C PRO G 34 4.37 -15.05 -30.75
N PHE G 35 4.36 -14.89 -32.07
CA PHE G 35 4.88 -13.68 -32.71
C PHE G 35 3.82 -12.63 -33.02
N GLU G 36 2.55 -13.04 -33.01
CA GLU G 36 1.40 -12.15 -33.15
CA GLU G 36 1.43 -12.12 -33.14
C GLU G 36 0.86 -11.74 -31.77
N GLY G 37 1.27 -12.47 -30.74
CA GLY G 37 0.87 -12.19 -29.37
C GLY G 37 -0.56 -12.53 -29.00
N THR G 38 -1.10 -13.58 -29.64
CA THR G 38 -2.47 -14.01 -29.37
C THR G 38 -2.49 -15.44 -28.86
N GLN G 39 -3.48 -15.76 -28.03
CA GLN G 39 -3.62 -17.12 -27.48
C GLN G 39 -5.03 -17.39 -26.96
N ASP G 40 -5.41 -18.67 -26.96
CA ASP G 40 -6.65 -19.13 -26.35
C ASP G 40 -6.37 -20.40 -25.57
N MET G 41 -7.15 -20.66 -24.54
CA MET G 41 -7.00 -21.88 -23.74
C MET G 41 -8.30 -22.30 -23.06
N LYS G 42 -8.37 -23.59 -22.70
CA LYS G 42 -9.44 -24.13 -21.86
C LYS G 42 -8.91 -24.36 -20.45
N ILE G 43 -9.71 -24.01 -19.46
CA ILE G 43 -9.35 -24.29 -18.07
C ILE G 43 -10.45 -25.14 -17.43
N GLU G 44 -10.04 -26.24 -16.79
CA GLU G 44 -10.97 -27.06 -16.03
C GLU G 44 -10.58 -27.14 -14.56
N VAL G 45 -11.56 -26.93 -13.69
CA VAL G 45 -11.40 -27.12 -12.26
C VAL G 45 -11.58 -28.60 -11.94
N ILE G 46 -10.48 -29.29 -11.64
CA ILE G 46 -10.50 -30.74 -11.41
C ILE G 46 -10.67 -31.12 -9.92
N GLU G 47 -10.34 -30.19 -9.03
CA GLU G 47 -10.55 -30.36 -7.60
C GLU G 47 -11.03 -29.05 -6.99
N GLY G 48 -11.95 -29.13 -6.04
CA GLY G 48 -12.46 -27.95 -5.35
C GLY G 48 -13.57 -27.23 -6.10
N GLY G 49 -14.08 -27.85 -7.16
CA GLY G 49 -15.17 -27.28 -7.94
C GLY G 49 -16.53 -27.64 -7.36
N PRO G 50 -17.57 -26.84 -7.66
CA PRO G 50 -17.47 -25.60 -8.44
C PRO G 50 -16.82 -24.46 -7.65
N LEU G 51 -15.90 -23.74 -8.28
CA LEU G 51 -15.15 -22.67 -7.62
C LEU G 51 -16.06 -21.71 -6.87
N PRO G 52 -15.83 -21.57 -5.55
CA PRO G 52 -16.63 -20.68 -4.70
C PRO G 52 -16.13 -19.24 -4.71
N PHE G 53 -15.43 -18.87 -5.79
CA PHE G 53 -14.99 -17.50 -6.00
C PHE G 53 -14.88 -17.17 -7.50
N ALA G 54 -14.80 -15.88 -7.81
CA ALA G 54 -14.69 -15.41 -9.20
C ALA G 54 -13.41 -15.93 -9.85
N PHE G 55 -13.56 -16.67 -10.95
CA PHE G 55 -12.41 -17.21 -11.69
C PHE G 55 -11.47 -16.10 -12.17
N ASP G 56 -11.99 -14.90 -12.34
CA ASP G 56 -11.21 -13.75 -12.84
C ASP G 56 -9.90 -13.49 -12.08
N ILE G 57 -9.86 -13.83 -10.79
CA ILE G 57 -8.65 -13.62 -9.99
C ILE G 57 -7.50 -14.56 -10.37
N LEU G 58 -7.83 -15.60 -11.15
CA LEU G 58 -6.85 -16.59 -11.59
C LEU G 58 -6.38 -16.35 -13.02
N SER G 59 -7.06 -15.44 -13.72
CA SER G 59 -6.80 -15.17 -15.15
C SER G 59 -5.34 -14.89 -15.50
N THR G 60 -4.69 -14.02 -14.71
CA THR G 60 -3.31 -13.64 -14.98
C THR G 60 -2.27 -14.70 -14.59
N SER G 61 -2.75 -15.85 -14.12
CA SER G 61 -1.86 -16.94 -13.71
C SER G 61 -1.93 -18.12 -14.66
N CYS G 62 -2.92 -18.09 -15.55
CA CYS G 62 -3.37 -19.29 -16.25
C CYS G 62 -2.43 -19.69 -17.38
N1 NRQ H 1 -1.43 -16.68 -18.46
N1 NRQ H 1 -1.45 -16.73 -18.39
CE NRQ H 1 -4.65 -17.60 -22.04
CE NRQ H 1 -4.85 -17.78 -22.09
SD NRQ H 1 -4.69 -16.00 -21.31
SD NRQ H 1 -4.76 -16.14 -21.47
CG1 NRQ H 1 -3.10 -15.82 -20.60
CG1 NRQ H 1 -3.18 -16.07 -20.71
CB1 NRQ H 1 -3.17 -15.27 -19.17
CB1 NRQ H 1 -3.30 -15.54 -19.28
CA1 NRQ H 1 -1.82 -15.44 -18.51
CA1 NRQ H 1 -1.96 -15.56 -18.59
C1 NRQ H 1 -1.05 -14.33 -17.98
C1 NRQ H 1 -1.33 -14.35 -18.20
N2 NRQ H 1 -1.39 -12.98 -17.99
N2 NRQ H 1 -1.84 -13.08 -18.26
OH NRQ H 1 -2.65 -5.96 -17.50
OH NRQ H 1 0.74 -6.34 -15.49
CD2 NRQ H 1 -2.13 -9.47 -17.83
CD2 NRQ H 1 0.51 -9.68 -16.59
CE2 NRQ H 1 -2.74 -8.22 -17.90
CE2 NRQ H 1 1.02 -8.54 -16.01
CZ NRQ H 1 -2.09 -7.08 -17.42
CZ NRQ H 1 0.27 -7.37 -16.02
CE1 NRQ H 1 -0.82 -7.19 -16.83
CE1 NRQ H 1 -0.99 -7.34 -16.61
CD1 NRQ H 1 -0.20 -8.43 -16.76
CD1 NRQ H 1 -1.50 -8.49 -17.19
CG2 NRQ H 1 -0.84 -9.57 -17.26
CG2 NRQ H 1 -0.74 -9.64 -17.17
CB2 NRQ H 1 -0.17 -10.90 -17.13
CB2 NRQ H 1 -1.29 -10.86 -17.79
CA2 NRQ H 1 -0.38 -12.30 -17.40
CA2 NRQ H 1 -0.92 -12.24 -17.79
C2 NRQ H 1 0.57 -13.30 -17.04
C2 NRQ H 1 0.19 -13.06 -17.43
O2 NRQ H 1 1.66 -13.03 -16.45
O2 NRQ H 1 1.29 -12.68 -16.94
N3 NRQ H 1 0.19 -14.51 -17.39
N3 NRQ H 1 -0.08 -14.32 -17.67
CA3 NRQ H 1 0.91 -15.78 -17.14
CA3 NRQ H 1 0.69 -15.52 -17.53
C3 NRQ H 1 1.88 -16.49 -18.06
C3 NRQ H 1 1.15 -16.19 -18.80
O3 NRQ H 1 2.29 -17.62 -17.82
O3 NRQ H 1 1.91 -17.08 -18.48
N SER H 2 0.88 -15.95 -20.10
CA SER H 2 1.57 -16.85 -21.04
C SER H 2 2.48 -15.90 -21.78
N LYS H 3 3.62 -15.60 -21.15
CA LYS H 3 4.47 -14.49 -21.58
C LYS H 3 5.26 -14.76 -22.85
N THR H 4 5.21 -16.00 -23.34
CA THR H 4 5.82 -16.36 -24.60
C THR H 4 5.01 -15.78 -25.76
N PHE H 5 3.73 -15.54 -25.53
CA PHE H 5 2.83 -15.04 -26.57
C PHE H 5 2.64 -13.53 -26.48
N ILE H 6 3.67 -12.81 -26.91
CA ILE H 6 3.65 -11.34 -27.00
C ILE H 6 4.24 -10.90 -28.33
N LYS H 7 3.58 -9.93 -28.98
CA LYS H 7 4.10 -9.30 -30.19
C LYS H 7 5.03 -8.15 -29.80
N TYR H 8 6.33 -8.31 -30.06
CA TYR H 8 7.30 -7.25 -29.78
C TYR H 8 7.57 -6.39 -31.00
N VAL H 9 7.26 -5.10 -30.87
CA VAL H 9 7.52 -4.13 -31.95
C VAL H 9 8.73 -3.25 -31.63
N SER H 10 9.16 -2.46 -32.61
CA SER H 10 10.25 -1.47 -32.46
C SER H 10 11.61 -2.07 -32.03
N GLY H 11 11.79 -3.37 -32.26
CA GLY H 11 13.06 -4.04 -31.96
C GLY H 11 13.37 -4.22 -30.48
N ILE H 12 12.33 -4.23 -29.64
CA ILE H 12 12.50 -4.49 -28.21
C ILE H 12 12.86 -5.96 -27.99
N PRO H 13 13.98 -6.23 -27.29
CA PRO H 13 14.38 -7.59 -26.96
C PRO H 13 13.33 -8.37 -26.20
N ASP H 14 13.16 -9.64 -26.56
CA ASP H 14 12.14 -10.50 -25.99
C ASP H 14 12.76 -11.37 -24.91
N TYR H 15 12.64 -10.93 -23.66
CA TYR H 15 13.22 -11.61 -22.50
C TYR H 15 12.75 -13.06 -22.39
N PHE H 16 11.50 -13.30 -22.76
CA PHE H 16 10.85 -14.60 -22.57
C PHE H 16 11.24 -15.61 -23.65
N LYS H 17 11.16 -15.21 -24.90
CA LYS H 17 11.57 -16.08 -26.02
C LYS H 17 13.07 -16.37 -26.00
N GLN H 18 13.86 -15.37 -25.60
CA GLN H 18 15.32 -15.53 -25.41
C GLN H 18 15.69 -16.57 -24.36
N SER H 19 14.75 -16.87 -23.46
CA SER H 19 15.03 -17.73 -22.31
C SER H 19 15.02 -19.23 -22.65
N PHE H 20 14.36 -19.58 -23.74
CA PHE H 20 14.27 -20.99 -24.15
C PHE H 20 15.57 -21.48 -24.79
N PRO H 21 15.87 -22.79 -24.71
CA PRO H 21 15.04 -23.89 -24.20
C PRO H 21 14.86 -23.97 -22.69
N GLU H 22 15.74 -23.31 -21.93
CA GLU H 22 15.69 -23.37 -20.46
C GLU H 22 14.34 -22.96 -19.88
N GLY H 23 13.78 -21.88 -20.41
CA GLY H 23 12.52 -21.33 -19.92
C GLY H 23 12.73 -20.24 -18.89
N PHE H 24 11.67 -19.95 -18.15
CA PHE H 24 11.69 -18.89 -17.15
C PHE H 24 10.65 -19.14 -16.04
N THR H 25 10.73 -18.36 -14.98
CA THR H 25 9.73 -18.36 -13.94
C THR H 25 9.19 -16.94 -13.79
N TRP H 26 8.01 -16.83 -13.19
CA TRP H 26 7.53 -15.53 -12.71
C TRP H 26 6.88 -15.66 -11.34
N GLU H 27 6.87 -14.57 -10.59
CA GLU H 27 6.30 -14.53 -9.25
C GLU H 27 5.56 -13.20 -9.14
N ARG H 28 4.42 -13.21 -8.45
CA ARG H 28 3.56 -12.04 -8.45
C ARG H 28 2.70 -11.99 -7.20
N THR H 29 2.54 -10.79 -6.65
CA THR H 29 1.47 -10.54 -5.70
C THR H 29 0.58 -9.46 -6.28
N THR H 30 -0.72 -9.75 -6.32
CA THR H 30 -1.73 -8.78 -6.76
C THR H 30 -2.48 -8.30 -5.53
N THR H 31 -2.44 -6.98 -5.32
CA THR H 31 -3.13 -6.38 -4.18
C THR H 31 -4.42 -5.72 -4.66
N TYR H 32 -5.55 -6.14 -4.08
CA TYR H 32 -6.87 -5.65 -4.46
C TYR H 32 -7.27 -4.47 -3.57
N GLU H 33 -7.97 -3.50 -4.13
CA GLU H 33 -8.29 -2.27 -3.39
C GLU H 33 -9.21 -2.50 -2.19
N ASP H 34 -9.94 -3.61 -2.20
CA ASP H 34 -10.81 -3.94 -1.06
C ASP H 34 -10.17 -4.89 -0.04
N GLY H 35 -8.87 -5.14 -0.20
CA GLY H 35 -8.10 -5.84 0.82
C GLY H 35 -7.69 -7.26 0.50
N GLY H 36 -8.16 -7.78 -0.63
CA GLY H 36 -7.76 -9.11 -1.09
C GLY H 36 -6.32 -9.15 -1.60
N PHE H 37 -5.70 -10.31 -1.48
CA PHE H 37 -4.36 -10.52 -2.03
C PHE H 37 -4.35 -11.82 -2.83
N LEU H 38 -3.71 -11.81 -3.99
CA LEU H 38 -3.52 -13.04 -4.77
C LEU H 38 -2.06 -13.17 -5.17
N THR H 39 -1.41 -14.18 -4.61
CA THR H 39 0.02 -14.42 -4.83
C THR H 39 0.19 -15.70 -5.65
N ALA H 40 1.12 -15.64 -6.60
CA ALA H 40 1.35 -16.75 -7.52
C ALA H 40 2.84 -16.93 -7.81
N HIS H 41 3.26 -18.20 -7.97
CA HIS H 41 4.55 -18.53 -8.54
C HIS H 41 4.29 -19.44 -9.73
N GLN H 42 5.02 -19.20 -10.82
CA GLN H 42 4.83 -19.96 -12.04
C GLN H 42 6.16 -20.41 -12.63
N ASP H 43 6.18 -21.64 -13.11
CA ASP H 43 7.34 -22.16 -13.81
C ASP H 43 6.94 -22.42 -15.27
N THR H 44 7.75 -21.94 -16.21
CA THR H 44 7.53 -22.16 -17.64
C THR H 44 8.70 -22.96 -18.22
N SER H 45 8.37 -24.11 -18.78
CA SER H 45 9.38 -24.97 -19.41
C SER H 45 8.98 -25.34 -20.83
N LEU H 46 9.97 -25.71 -21.63
CA LEU H 46 9.72 -26.20 -22.98
C LEU H 46 9.98 -27.70 -23.04
N ASP H 47 8.91 -28.46 -23.18
CA ASP H 47 8.99 -29.91 -23.35
C ASP H 47 8.84 -30.22 -24.84
N GLY H 48 9.97 -30.21 -25.54
CA GLY H 48 10.00 -30.44 -26.98
C GLY H 48 9.23 -29.40 -27.79
N ASP H 49 8.00 -29.74 -28.15
N ASP H 49 7.99 -29.75 -28.10
CA ASP H 49 7.14 -28.82 -28.91
CA ASP H 49 7.09 -28.93 -28.91
C ASP H 49 5.98 -28.27 -28.08
C ASP H 49 6.02 -28.24 -28.07
N CME H 50 5.98 -28.57 -26.79
CA CME H 50 4.93 -28.13 -25.88
CB CME H 50 4.31 -29.40 -25.31
SG CME H 50 3.02 -29.07 -24.15
SD CME H 50 1.39 -28.62 -25.21
CE CME H 50 1.30 -29.87 -26.45
CZ CME H 50 0.25 -30.90 -26.08
OH CME H 50 0.48 -31.37 -24.75
C CME H 50 5.46 -27.27 -24.77
O CME H 50 6.49 -27.59 -24.16
N LEU H 51 4.77 -26.17 -24.51
CA LEU H 51 5.08 -25.32 -23.36
C LEU H 51 4.33 -25.84 -22.14
N VAL H 52 5.05 -25.97 -21.03
CA VAL H 52 4.47 -26.49 -19.79
C VAL H 52 4.46 -25.41 -18.71
N TYR H 53 3.27 -25.10 -18.21
CA TYR H 53 3.11 -24.15 -17.11
C TYR H 53 2.74 -24.87 -15.83
N LYS H 54 3.46 -24.56 -14.76
CA LYS H 54 3.10 -25.06 -13.43
CA LYS H 54 3.13 -25.07 -13.43
C LYS H 54 2.93 -23.87 -12.50
N VAL H 55 1.74 -23.77 -11.91
CA VAL H 55 1.37 -22.60 -11.10
C VAL H 55 0.95 -22.97 -9.69
N LYS H 56 1.46 -22.20 -8.72
CA LYS H 56 1.04 -22.29 -7.32
C LYS H 56 0.40 -20.97 -6.92
N ILE H 57 -0.76 -21.05 -6.27
CA ILE H 57 -1.57 -19.88 -5.94
C ILE H 57 -1.90 -19.84 -4.45
N LEU H 58 -1.73 -18.68 -3.83
CA LEU H 58 -2.29 -18.43 -2.50
C LEU H 58 -3.03 -17.09 -2.52
N GLY H 59 -4.32 -17.14 -2.23
CA GLY H 59 -5.14 -15.93 -2.15
C GLY H 59 -5.79 -15.80 -0.79
N ASN H 60 -5.95 -14.56 -0.31
CA ASN H 60 -6.44 -14.34 1.04
C ASN H 60 -7.09 -12.98 1.25
N ASN H 61 -7.80 -12.85 2.37
CA ASN H 61 -8.39 -11.58 2.79
C ASN H 61 -9.43 -10.96 1.83
N PHE H 62 -9.92 -11.74 0.87
CA PHE H 62 -11.00 -11.25 -0.01
C PHE H 62 -12.27 -11.07 0.81
N PRO H 63 -12.90 -9.88 0.74
CA PRO H 63 -14.08 -9.66 1.56
C PRO H 63 -15.20 -10.63 1.20
N ALA H 64 -15.90 -11.14 2.22
CA ALA H 64 -17.00 -12.09 2.00
C ALA H 64 -18.12 -11.50 1.15
N ASP H 65 -18.30 -10.17 1.26
CA ASP H 65 -19.36 -9.46 0.57
C ASP H 65 -18.90 -8.81 -0.74
N GLY H 66 -17.65 -9.06 -1.12
CA GLY H 66 -17.07 -8.48 -2.34
C GLY H 66 -17.39 -9.27 -3.60
N PRO H 67 -17.16 -8.68 -4.78
CA PRO H 67 -17.45 -9.32 -6.06
C PRO H 67 -16.69 -10.62 -6.30
N VAL H 68 -15.52 -10.77 -5.68
CA VAL H 68 -14.72 -11.98 -5.86
C VAL H 68 -15.36 -13.20 -5.16
N MET H 69 -15.65 -13.07 -3.87
CA MET H 69 -16.22 -14.16 -3.10
C MET H 69 -17.72 -14.35 -3.36
N GLN H 70 -18.40 -13.28 -3.79
CA GLN H 70 -19.81 -13.38 -4.18
C GLN H 70 -19.94 -13.87 -5.63
N ASN H 71 -18.81 -14.03 -6.31
CA ASN H 71 -18.75 -14.53 -7.69
C ASN H 71 -19.56 -13.67 -8.67
N LYS H 72 -19.43 -12.36 -8.51
CA LYS H 72 -20.20 -11.40 -9.30
C LYS H 72 -19.32 -10.51 -10.18
N ALA H 73 -18.11 -10.98 -10.49
CA ALA H 73 -17.18 -10.24 -11.34
C ALA H 73 -17.57 -10.37 -12.81
N GLY H 74 -17.29 -9.33 -13.59
CA GLY H 74 -17.67 -9.30 -15.00
C GLY H 74 -16.50 -9.33 -15.98
N GLY H 75 -15.32 -9.73 -15.50
CA GLY H 75 -14.12 -9.79 -16.32
C GLY H 75 -13.25 -8.54 -16.17
N TRP H 76 -12.10 -8.56 -16.83
CA TRP H 76 -11.11 -7.48 -16.70
C TRP H 76 -11.18 -6.49 -17.85
N GLU H 77 -10.87 -5.23 -17.54
CA GLU H 77 -10.62 -4.25 -18.57
C GLU H 77 -9.26 -4.56 -19.20
N PRO H 78 -9.01 -4.07 -20.42
CA PRO H 78 -7.64 -4.19 -20.94
C PRO H 78 -6.68 -3.42 -20.03
N GLY H 79 -5.41 -3.77 -20.05
CA GLY H 79 -4.45 -3.15 -19.15
C GLY H 79 -3.10 -2.87 -19.78
N CYS H 80 -2.32 -2.05 -19.09
CA CYS H 80 -0.96 -1.73 -19.48
CA CYS H 80 -0.96 -1.73 -19.49
C CYS H 80 0.00 -2.12 -18.37
N GLU H 81 1.08 -2.80 -18.73
CA GLU H 81 2.14 -3.14 -17.78
C GLU H 81 3.40 -2.38 -18.16
N ILE H 82 4.11 -1.87 -17.15
CA ILE H 82 5.43 -1.31 -17.39
C ILE H 82 6.48 -2.34 -16.98
N LEU H 83 7.52 -2.47 -17.80
CA LEU H 83 8.58 -3.47 -17.57
C LEU H 83 9.97 -2.86 -17.72
N TYR H 84 10.85 -3.19 -16.78
CA TYR H 84 12.22 -2.69 -16.78
C TYR H 84 13.10 -3.58 -15.92
N GLU H 85 14.41 -3.55 -16.18
CA GLU H 85 15.36 -4.36 -15.44
C GLU H 85 15.56 -3.86 -14.00
N VAL H 86 15.58 -4.82 -13.07
CA VAL H 86 15.96 -4.59 -11.68
C VAL H 86 16.79 -5.79 -11.21
N ASP H 87 17.99 -5.54 -10.71
CA ASP H 87 18.87 -6.57 -10.13
C ASP H 87 19.21 -7.71 -11.12
N GLY H 88 19.31 -7.39 -12.42
CA GLY H 88 19.63 -8.40 -13.44
C GLY H 88 18.50 -9.32 -13.84
N VAL H 89 17.28 -8.99 -13.44
CA VAL H 89 16.07 -9.70 -13.89
C VAL H 89 15.04 -8.68 -14.36
N LEU H 90 13.91 -9.15 -14.87
CA LEU H 90 12.91 -8.25 -15.44
C LEU H 90 11.74 -8.06 -14.48
N CYS H 91 11.48 -6.81 -14.11
CA CYS H 91 10.36 -6.51 -13.24
CA CYS H 91 10.38 -6.46 -13.22
C CYS H 91 9.20 -5.92 -14.02
N GLY H 92 7.98 -6.22 -13.54
CA GLY H 92 6.76 -5.77 -14.19
C GLY H 92 5.84 -5.17 -13.14
N GLN H 93 5.16 -4.10 -13.53
CA GLN H 93 4.22 -3.41 -12.66
C GLN H 93 2.99 -3.00 -13.46
N SER H 94 1.81 -3.27 -12.92
CA SER H 94 0.58 -2.95 -13.62
C SER H 94 -0.59 -2.70 -12.69
N LEU H 95 -1.55 -1.92 -13.17
CA LEU H 95 -2.84 -1.76 -12.54
C LEU H 95 -3.89 -2.39 -13.44
N MET H 96 -4.79 -3.15 -12.84
CA MET H 96 -5.90 -3.75 -13.56
C MET H 96 -7.22 -3.35 -12.92
N ALA H 97 -8.30 -3.45 -13.67
CA ALA H 97 -9.62 -3.06 -13.18
C ALA H 97 -10.63 -4.14 -13.48
N LEU H 98 -11.24 -4.67 -12.43
CA LEU H 98 -12.24 -5.73 -12.53
C LEU H 98 -13.62 -5.13 -12.65
N LYS H 99 -14.37 -5.59 -13.66
CA LYS H 99 -15.74 -5.10 -13.87
C LYS H 99 -16.69 -5.70 -12.84
N CYS H 100 -17.49 -4.81 -12.24
CA CYS H 100 -18.42 -5.17 -11.17
C CYS H 100 -19.86 -4.77 -11.50
N PRO H 101 -20.85 -5.36 -10.79
CA PRO H 101 -22.25 -4.97 -10.99
C PRO H 101 -22.48 -3.46 -10.88
N GLY H 102 -23.41 -2.95 -11.68
CA GLY H 102 -23.75 -1.53 -11.67
C GLY H 102 -22.78 -0.63 -12.43
N GLY H 103 -21.96 -1.23 -13.28
CA GLY H 103 -20.98 -0.49 -14.09
C GLY H 103 -19.82 0.05 -13.27
N ARG H 104 -19.52 -0.62 -12.16
CA ARG H 104 -18.42 -0.23 -11.29
C ARG H 104 -17.16 -1.01 -11.61
N HIS H 105 -16.03 -0.54 -11.07
CA HIS H 105 -14.74 -1.23 -11.22
C HIS H 105 -14.06 -1.39 -9.87
N LEU H 106 -13.32 -2.49 -9.73
CA LEU H 106 -12.50 -2.75 -8.55
C LEU H 106 -11.07 -2.85 -9.03
N ASN H 107 -10.20 -1.94 -8.59
CA ASN H 107 -8.82 -1.96 -9.08
C ASN H 107 -7.86 -2.79 -8.23
N CYS H 108 -6.74 -3.15 -8.83
CA CYS H 108 -5.71 -3.92 -8.17
C CYS H 108 -4.34 -3.60 -8.77
N ARG H 109 -3.28 -3.91 -8.04
CA ARG H 109 -1.92 -3.68 -8.51
C ARG H 109 -1.13 -4.99 -8.59
N LEU H 110 -0.48 -5.23 -9.72
CA LEU H 110 0.32 -6.44 -9.92
C LEU H 110 1.80 -6.14 -9.78
N HIS H 111 2.44 -6.80 -8.81
CA HIS H 111 3.87 -6.67 -8.57
C HIS H 111 4.54 -7.96 -9.03
N THR H 112 5.25 -7.89 -10.15
CA THR H 112 5.80 -9.10 -10.77
C THR H 112 7.32 -9.04 -10.93
N THR H 113 7.96 -10.18 -10.72
CA THR H 113 9.34 -10.37 -11.14
C THR H 113 9.40 -11.58 -12.09
N TYR H 114 10.01 -11.37 -13.25
CA TYR H 114 10.21 -12.42 -14.25
C TYR H 114 11.67 -12.84 -14.22
N ARG H 115 11.90 -14.14 -14.07
CA ARG H 115 13.25 -14.67 -13.90
C ARG H 115 13.59 -15.69 -14.99
N SER H 116 14.54 -15.33 -15.85
CA SER H 116 15.03 -16.27 -16.86
C SER H 116 15.81 -17.38 -16.19
N LYS H 117 15.78 -18.57 -16.78
CA LYS H 117 16.60 -19.68 -16.31
C LYS H 117 17.97 -19.69 -17.00
N LYS H 118 18.13 -18.82 -18.00
CA LYS H 118 19.44 -18.50 -18.55
C LYS H 118 20.12 -17.46 -17.66
N PRO H 119 21.46 -17.46 -17.60
CA PRO H 119 22.14 -16.38 -16.88
C PRO H 119 21.95 -15.04 -17.59
N ALA H 120 22.02 -13.94 -16.83
CA ALA H 120 21.84 -12.59 -17.37
C ALA H 120 22.85 -12.28 -18.48
N SER H 121 24.06 -12.82 -18.34
CA SER H 121 25.13 -12.63 -19.31
C SER H 121 24.81 -13.17 -20.71
N ALA H 122 23.91 -14.15 -20.78
CA ALA H 122 23.53 -14.79 -22.04
C ALA H 122 22.31 -14.13 -22.70
N LEU H 123 21.85 -13.02 -22.12
CA LEU H 123 20.61 -12.37 -22.54
C LEU H 123 20.78 -10.91 -22.91
N LYS H 124 19.94 -10.46 -23.84
CA LYS H 124 19.83 -9.03 -24.14
CA LYS H 124 19.82 -9.04 -24.16
C LYS H 124 18.62 -8.47 -23.40
N MET H 125 18.90 -7.64 -22.41
N MET H 125 18.90 -7.66 -22.39
CA MET H 125 17.86 -7.06 -21.55
CA MET H 125 17.85 -7.10 -21.53
C MET H 125 17.15 -5.91 -22.25
C MET H 125 17.15 -5.92 -22.21
N PRO H 126 15.80 -5.92 -22.24
CA PRO H 126 15.05 -4.82 -22.84
C PRO H 126 15.15 -3.55 -22.00
N GLU H 127 15.04 -2.40 -22.67
CA GLU H 127 14.91 -1.12 -22.00
C GLU H 127 13.50 -0.99 -21.47
N PHE H 128 13.25 0.02 -20.64
CA PHE H 128 11.90 0.34 -20.17
C PHE H 128 10.91 0.29 -21.32
N HIS H 129 9.84 -0.49 -21.17
CA HIS H 129 8.77 -0.53 -22.18
C HIS H 129 7.43 -0.91 -21.58
N PHE H 130 6.41 -0.91 -22.43
CA PHE H 130 5.03 -1.20 -22.04
C PHE H 130 4.55 -2.47 -22.71
N GLU H 131 3.69 -3.21 -22.01
CA GLU H 131 2.98 -4.34 -22.60
C GLU H 131 1.48 -4.10 -22.47
N ASP H 132 0.81 -3.95 -23.60
CA ASP H 132 -0.65 -3.87 -23.65
C ASP H 132 -1.21 -5.29 -23.61
N HIS H 133 -2.19 -5.51 -22.73
CA HIS H 133 -2.82 -6.83 -22.58
C HIS H 133 -4.33 -6.70 -22.62
N ARG H 134 -5.00 -7.72 -23.14
CA ARG H 134 -6.44 -7.82 -23.04
C ARG H 134 -6.79 -9.27 -22.75
N ILE H 135 -7.52 -9.49 -21.65
CA ILE H 135 -7.93 -10.82 -21.23
C ILE H 135 -9.44 -10.93 -21.26
N GLU H 136 -9.95 -11.96 -21.93
CA GLU H 136 -11.38 -12.20 -22.03
C GLU H 136 -11.70 -13.63 -21.60
N VAL H 137 -12.73 -13.78 -20.76
CA VAL H 137 -13.10 -15.07 -20.20
C VAL H 137 -14.56 -15.40 -20.50
N LYS H 138 -14.82 -16.64 -20.90
CA LYS H 138 -16.17 -17.17 -20.96
C LYS H 138 -16.30 -18.40 -20.08
N GLU H 139 -17.32 -18.40 -19.22
CA GLU H 139 -17.61 -19.50 -18.33
C GLU H 139 -18.51 -20.50 -19.04
N VAL H 140 -17.93 -21.62 -19.47
CA VAL H 140 -18.64 -22.67 -20.20
C VAL H 140 -19.58 -23.44 -19.26
N GLN H 141 -19.02 -23.98 -18.18
CA GLN H 141 -19.80 -24.63 -17.14
C GLN H 141 -19.51 -23.98 -15.80
N LYS H 142 -20.57 -23.63 -15.07
CA LYS H 142 -20.46 -22.90 -13.80
C LYS H 142 -19.40 -23.49 -12.86
N GLY H 143 -18.41 -22.66 -12.53
CA GLY H 143 -17.35 -23.04 -11.59
C GLY H 143 -16.50 -24.26 -11.96
N LYS H 144 -16.64 -24.72 -13.20
CA LYS H 144 -16.00 -25.95 -13.66
C LYS H 144 -15.17 -25.78 -14.93
N HIS H 145 -15.78 -25.23 -15.97
CA HIS H 145 -15.12 -25.08 -17.26
C HIS H 145 -15.12 -23.63 -17.72
N TYR H 146 -13.95 -23.16 -18.12
CA TYR H 146 -13.77 -21.78 -18.59
C TYR H 146 -12.95 -21.77 -19.87
N GLU H 147 -13.15 -20.74 -20.68
CA GLU H 147 -12.29 -20.48 -21.83
C GLU H 147 -11.72 -19.08 -21.70
N GLN H 148 -10.44 -18.92 -22.06
CA GLN H 148 -9.77 -17.64 -21.90
C GLN H 148 -8.97 -17.23 -23.13
N TYR H 149 -9.12 -15.97 -23.53
CA TYR H 149 -8.40 -15.38 -24.65
C TYR H 149 -7.55 -14.20 -24.17
N GLU H 150 -6.35 -14.07 -24.72
CA GLU H 150 -5.51 -12.89 -24.46
C GLU H 150 -4.71 -12.46 -25.68
N ALA H 151 -4.68 -11.14 -25.91
CA ALA H 151 -3.80 -10.52 -26.88
C ALA H 151 -2.84 -9.58 -26.15
N ALA H 152 -1.57 -9.59 -26.57
CA ALA H 152 -0.53 -8.80 -25.90
C ALA H 152 0.50 -8.23 -26.86
N VAL H 153 0.81 -6.94 -26.69
CA VAL H 153 1.79 -6.26 -27.53
C VAL H 153 2.79 -5.50 -26.66
N ALA H 154 4.07 -5.63 -26.98
CA ALA H 154 5.12 -4.88 -26.29
C ALA H 154 5.60 -3.73 -27.18
N ARG H 155 5.69 -2.54 -26.60
CA ARG H 155 5.95 -1.32 -27.38
C ARG H 155 6.59 -0.23 -26.52
N TYR H 156 7.09 0.82 -27.20
CA TYR H 156 7.40 2.08 -26.55
C TYR H 156 6.19 3.02 -26.66
N CME H 157 6.31 4.22 -26.10
CA CME H 157 5.23 5.20 -26.17
CB CME H 157 5.30 6.17 -24.99
SG CME H 157 3.88 7.20 -24.97
SD CME H 157 2.37 5.96 -24.54
CE CME H 157 2.29 5.97 -22.78
CZ CME H 157 2.19 4.54 -22.26
OH CME H 157 1.11 3.85 -22.88
C CME H 157 5.28 5.96 -27.48
O CME H 157 5.95 6.99 -27.59
N ASP H 158 4.55 5.45 -28.47
CA ASP H 158 4.46 6.10 -29.77
C ASP H 158 3.35 7.15 -29.79
N ALA H 159 2.30 6.92 -29.00
CA ALA H 159 1.12 7.78 -28.97
C ALA H 159 1.41 9.21 -28.52
N ALA H 160 2.20 9.35 -27.47
CA ALA H 160 2.64 10.67 -26.99
C ALA H 160 4.13 10.84 -27.27
N PRO H 161 4.48 11.61 -28.32
CA PRO H 161 5.85 11.67 -28.81
C PRO H 161 6.76 12.61 -28.01
N SER H 162 8.06 12.34 -28.08
CA SER H 162 9.07 13.10 -27.36
C SER H 162 9.54 14.35 -28.12
N LYS H 163 9.99 15.35 -27.37
CA LYS H 163 10.68 16.50 -27.93
C LYS H 163 12.19 16.33 -27.75
N LEU H 164 12.58 15.58 -26.72
CA LEU H 164 13.99 15.31 -26.42
C LEU H 164 14.53 14.12 -27.21
N GLY H 165 13.72 13.59 -28.13
CA GLY H 165 14.13 12.50 -29.00
C GLY H 165 14.21 11.13 -28.32
N HIS H 166 13.58 11.01 -27.16
CA HIS H 166 13.53 9.74 -26.43
C HIS H 166 12.55 8.76 -27.08
N HIS H 167 12.62 7.50 -26.66
CA HIS H 167 11.78 6.42 -27.20
C HIS H 167 10.31 6.59 -26.81
#